data_4KGM
#
_entry.id   4KGM
#
_cell.length_a   99.156
_cell.length_b   218.343
_cell.length_c   126.056
_cell.angle_alpha   90.00
_cell.angle_beta   90.00
_cell.angle_gamma   90.00
#
_symmetry.space_group_name_H-M   'C 2 2 21'
#
loop_
_entity.id
_entity.type
_entity.pdbx_description
1 polymer 'Thg1-like uncharacterized protein'
2 non-polymer "ADENOSINE-5'-TRIPHOSPHATE"
3 non-polymer 'PHOSPHATE ION'
4 non-polymer 'MAGNESIUM ION'
5 non-polymer GLYCEROL
6 water water
#
_entity_poly.entity_id   1
_entity_poly.type   'polypeptide(L)'
_entity_poly.pdbx_seq_one_letter_code
;MDSIGDRMKRYENAYRIKLPERMPVIVRIDGAHFHTYTKGCAKPFDQDLAEAFWETCKYLAQNIMGAKLVYHQSDEISIL
ITNYDKLTTQSWFENNLQKIASVSASMATAKFNEVMREKYPDKPLATFDGRAQVLPQDEVANYFIWRQQDASKNSISMVA
QANFPHKQLQGLNGKDMQDKLMTEKNINWNDLPVWQKRGICIIKEFYEKNGALRSRWSVDHETPIISKDREYVEQFVYLN
RGAAA
;
_entity_poly.pdbx_strand_id   A,B,C,D
#
# COMPACT_ATOMS: atom_id res chain seq x y z
N SER A 3 -36.07 -30.92 -14.84
CA SER A 3 -34.91 -31.73 -14.48
C SER A 3 -34.57 -31.57 -13.00
N ILE A 4 -33.39 -32.04 -12.63
CA ILE A 4 -32.92 -31.92 -11.25
C ILE A 4 -32.37 -30.53 -11.00
N GLY A 5 -31.71 -29.97 -12.01
CA GLY A 5 -31.14 -28.63 -11.91
C GLY A 5 -32.22 -27.57 -11.79
N ASP A 6 -33.33 -27.78 -12.49
CA ASP A 6 -34.46 -26.86 -12.41
C ASP A 6 -35.04 -26.90 -11.00
N ARG A 7 -35.14 -28.09 -10.45
CA ARG A 7 -35.66 -28.28 -9.11
C ARG A 7 -34.72 -27.65 -8.10
N MET A 8 -33.42 -27.85 -8.30
CA MET A 8 -32.41 -27.28 -7.42
C MET A 8 -32.36 -25.77 -7.51
N LYS A 9 -32.60 -25.24 -8.71
CA LYS A 9 -32.60 -23.80 -8.91
C LYS A 9 -33.71 -23.11 -8.12
N ARG A 10 -34.84 -23.80 -7.94
CA ARG A 10 -35.97 -23.23 -7.22
C ARG A 10 -35.74 -23.22 -5.70
N TYR A 11 -35.06 -24.24 -5.20
CA TYR A 11 -34.73 -24.29 -3.78
C TYR A 11 -33.82 -23.13 -3.43
N GLU A 12 -32.85 -22.87 -4.30
CA GLU A 12 -31.91 -21.78 -4.08
C GLU A 12 -32.61 -20.42 -4.20
N ASN A 13 -33.51 -20.31 -5.18
CA ASN A 13 -34.23 -19.06 -5.41
C ASN A 13 -35.22 -18.70 -4.31
N ALA A 14 -35.56 -19.68 -3.47
CA ALA A 14 -36.43 -19.43 -2.34
C ALA A 14 -35.81 -18.42 -1.39
N TYR A 15 -34.49 -18.28 -1.45
CA TYR A 15 -33.78 -17.31 -0.63
C TYR A 15 -32.90 -16.39 -1.47
N ARG A 16 -33.24 -16.28 -2.75
CA ARG A 16 -32.62 -15.29 -3.61
C ARG A 16 -33.30 -13.95 -3.37
N ILE A 17 -32.98 -13.34 -2.24
CA ILE A 17 -33.63 -12.11 -1.82
C ILE A 17 -32.97 -10.90 -2.48
N LYS A 18 -33.80 -9.97 -2.96
CA LYS A 18 -33.30 -8.74 -3.54
C LYS A 18 -33.89 -7.52 -2.84
N LEU A 19 -33.04 -6.54 -2.58
CA LEU A 19 -33.48 -5.27 -2.01
C LEU A 19 -34.15 -4.44 -3.10
N PRO A 20 -35.24 -3.74 -2.75
CA PRO A 20 -35.87 -2.81 -3.70
C PRO A 20 -34.87 -1.75 -4.13
N GLU A 21 -34.87 -1.41 -5.42
CA GLU A 21 -33.89 -0.50 -5.98
C GLU A 21 -34.26 0.97 -5.77
N ARG A 22 -33.39 1.85 -6.26
CA ARG A 22 -33.58 3.30 -6.18
C ARG A 22 -33.87 3.82 -4.78
N MET A 23 -33.16 3.28 -3.80
CA MET A 23 -33.22 3.78 -2.43
C MET A 23 -31.94 3.45 -1.67
N PRO A 24 -31.59 4.28 -0.68
CA PRO A 24 -30.35 4.13 0.09
C PRO A 24 -30.15 2.72 0.66
N VAL A 25 -28.95 2.18 0.48
CA VAL A 25 -28.60 0.88 1.04
C VAL A 25 -27.49 1.03 2.07
N ILE A 26 -27.66 0.39 3.23
CA ILE A 26 -26.65 0.40 4.28
C ILE A 26 -26.10 -1.01 4.50
N VAL A 27 -24.77 -1.13 4.49
CA VAL A 27 -24.11 -2.39 4.80
C VAL A 27 -23.25 -2.23 6.05
N ARG A 28 -23.49 -3.07 7.05
CA ARG A 28 -22.65 -3.07 8.24
C ARG A 28 -21.83 -4.36 8.37
N ILE A 29 -20.54 -4.19 8.63
CA ILE A 29 -19.64 -5.32 8.82
C ILE A 29 -19.09 -5.26 10.24
N ASP A 30 -19.21 -6.34 10.97
CA ASP A 30 -18.75 -6.37 12.37
C ASP A 30 -17.82 -7.55 12.63
N GLY A 31 -16.67 -7.28 13.24
CA GLY A 31 -15.68 -8.30 13.55
C GLY A 31 -16.20 -9.39 14.47
N ALA A 32 -15.89 -10.63 14.14
CA ALA A 32 -16.33 -11.77 14.93
C ALA A 32 -15.39 -12.05 16.10
N HIS A 33 -15.95 -12.08 17.31
CA HIS A 33 -15.18 -12.36 18.53
C HIS A 33 -13.97 -11.45 18.67
N PHE A 34 -14.17 -10.15 18.50
CA PHE A 34 -13.06 -9.20 18.57
C PHE A 34 -12.68 -8.83 20.01
N HIS A 35 -13.24 -9.56 20.96
CA HIS A 35 -12.84 -9.42 22.35
CA HIS A 35 -12.86 -9.43 22.35
C HIS A 35 -11.63 -10.31 22.58
N THR A 36 -11.56 -11.40 21.83
CA THR A 36 -10.45 -12.34 21.88
C THR A 36 -9.34 -11.92 20.94
N TYR A 37 -9.73 -11.51 19.73
CA TYR A 37 -8.78 -11.10 18.71
C TYR A 37 -7.98 -9.87 19.12
N THR A 38 -8.64 -8.94 19.82
CA THR A 38 -7.97 -7.72 20.27
C THR A 38 -7.33 -7.91 21.65
N LYS A 39 -7.58 -9.06 22.26
CA LYS A 39 -6.95 -9.38 23.54
C LYS A 39 -5.45 -9.55 23.34
N GLY A 40 -4.72 -8.43 23.45
CA GLY A 40 -3.29 -8.42 23.20
C GLY A 40 -2.92 -7.13 22.50
N CYS A 41 -3.92 -6.32 22.18
CA CYS A 41 -3.70 -5.02 21.55
C CYS A 41 -3.62 -3.91 22.58
N ALA A 42 -3.16 -2.75 22.15
CA ALA A 42 -3.03 -1.60 23.03
C ALA A 42 -4.39 -1.08 23.48
N LYS A 43 -4.64 -1.16 24.79
CA LYS A 43 -5.88 -0.66 25.37
C LYS A 43 -5.67 0.75 25.93
N PRO A 44 -6.70 1.61 25.86
CA PRO A 44 -8.03 1.32 25.32
C PRO A 44 -8.10 1.41 23.80
N PHE A 45 -7.20 2.18 23.19
CA PHE A 45 -7.22 2.37 21.75
C PHE A 45 -5.89 1.98 21.11
N ASP A 46 -5.94 1.13 20.09
CA ASP A 46 -4.74 0.71 19.37
C ASP A 46 -4.66 1.40 18.00
N GLN A 47 -3.58 2.15 17.78
CA GLN A 47 -3.41 2.89 16.54
C GLN A 47 -3.21 1.96 15.34
N ASP A 48 -2.51 0.85 15.56
CA ASP A 48 -2.25 -0.11 14.49
C ASP A 48 -3.53 -0.81 14.03
N LEU A 49 -4.35 -1.21 15.00
CA LEU A 49 -5.61 -1.89 14.70
C LEU A 49 -6.58 -0.94 13.98
N ALA A 50 -6.69 0.28 14.49
CA ALA A 50 -7.58 1.27 13.93
C ALA A 50 -7.20 1.63 12.49
N GLU A 51 -5.90 1.74 12.22
CA GLU A 51 -5.43 2.07 10.89
C GLU A 51 -5.56 0.90 9.92
N ALA A 52 -5.76 -0.30 10.47
CA ALA A 52 -5.98 -1.48 9.66
C ALA A 52 -7.43 -1.51 9.17
N PHE A 53 -8.33 -0.98 10.01
CA PHE A 53 -9.73 -0.84 9.63
C PHE A 53 -9.89 0.28 8.60
N TRP A 54 -9.09 1.33 8.76
CA TRP A 54 -9.17 2.49 7.87
C TRP A 54 -8.72 2.10 6.46
N GLU A 55 -7.72 1.24 6.36
CA GLU A 55 -7.27 0.73 5.08
C GLU A 55 -8.30 -0.22 4.51
N THR A 56 -8.99 -0.94 5.40
CA THR A 56 -10.06 -1.83 5.00
C THR A 56 -11.23 -1.00 4.46
N CYS A 57 -11.55 0.07 5.17
CA CYS A 57 -12.63 0.98 4.77
C CYS A 57 -12.40 1.58 3.39
N LYS A 58 -11.14 1.88 3.08
CA LYS A 58 -10.81 2.41 1.75
C LYS A 58 -11.02 1.34 0.71
N TYR A 59 -10.51 0.15 0.98
CA TYR A 59 -10.61 -0.99 0.07
C TYR A 59 -12.07 -1.32 -0.26
N LEU A 60 -12.94 -1.17 0.72
CA LEU A 60 -14.36 -1.43 0.53
C LEU A 60 -15.01 -0.40 -0.39
N ALA A 61 -14.76 0.87 -0.10
CA ALA A 61 -15.35 1.97 -0.86
C ALA A 61 -14.87 1.97 -2.31
N GLN A 62 -13.65 1.50 -2.52
CA GLN A 62 -13.06 1.45 -3.86
C GLN A 62 -13.67 0.36 -4.73
N ASN A 63 -14.22 -0.67 -4.08
CA ASN A 63 -14.69 -1.84 -4.81
C ASN A 63 -16.19 -2.07 -4.78
N ILE A 64 -16.93 -1.18 -4.13
CA ILE A 64 -18.38 -1.32 -4.03
C ILE A 64 -19.11 -0.31 -4.89
N MET A 65 -19.88 -0.80 -5.86
CA MET A 65 -20.64 0.05 -6.77
C MET A 65 -21.66 0.90 -6.03
N GLY A 66 -21.56 2.22 -6.18
CA GLY A 66 -22.49 3.14 -5.55
C GLY A 66 -22.10 3.58 -4.15
N ALA A 67 -20.92 3.17 -3.69
CA ALA A 67 -20.44 3.52 -2.36
C ALA A 67 -20.20 5.03 -2.24
N LYS A 68 -20.81 5.64 -1.24
CA LYS A 68 -20.73 7.09 -1.05
C LYS A 68 -19.97 7.46 0.23
N LEU A 69 -20.19 6.69 1.28
CA LEU A 69 -19.56 6.99 2.57
C LEU A 69 -19.37 5.73 3.40
N VAL A 70 -18.25 5.68 4.11
CA VAL A 70 -17.97 4.60 5.04
C VAL A 70 -17.72 5.18 6.43
N TYR A 71 -18.26 4.53 7.46
CA TYR A 71 -18.06 4.97 8.83
C TYR A 71 -17.46 3.87 9.69
N HIS A 72 -16.34 4.16 10.34
CA HIS A 72 -15.72 3.18 11.24
C HIS A 72 -15.83 3.56 12.71
N GLN A 73 -16.02 2.54 13.53
CA GLN A 73 -16.01 2.67 14.98
C GLN A 73 -15.83 1.28 15.59
N SER A 74 -14.91 1.17 16.54
CA SER A 74 -14.59 -0.12 17.17
C SER A 74 -14.24 -1.17 16.12
N ASP A 75 -15.01 -2.26 16.10
CA ASP A 75 -14.78 -3.34 15.16
C ASP A 75 -15.88 -3.42 14.10
N GLU A 76 -16.61 -2.33 13.91
CA GLU A 76 -17.70 -2.32 12.94
C GLU A 76 -17.46 -1.35 11.81
N ILE A 77 -18.01 -1.66 10.63
CA ILE A 77 -17.88 -0.83 9.45
C ILE A 77 -19.22 -0.67 8.75
N SER A 78 -19.75 0.55 8.74
CA SER A 78 -21.00 0.84 8.05
C SER A 78 -20.72 1.51 6.71
N ILE A 79 -21.41 1.05 5.67
CA ILE A 79 -21.22 1.59 4.33
C ILE A 79 -22.53 2.07 3.73
N LEU A 80 -22.55 3.32 3.29
CA LEU A 80 -23.72 3.87 2.61
C LEU A 80 -23.63 3.70 1.11
N ILE A 81 -24.58 2.97 0.55
CA ILE A 81 -24.62 2.74 -0.89
C ILE A 81 -25.88 3.36 -1.50
N THR A 82 -25.69 4.13 -2.56
CA THR A 82 -26.83 4.69 -3.30
C THR A 82 -26.80 4.18 -4.73
N ASN A 83 -27.98 3.95 -5.30
CA ASN A 83 -28.09 3.41 -6.65
C ASN A 83 -29.07 4.20 -7.51
N TYR A 84 -29.23 5.48 -7.21
CA TYR A 84 -30.18 6.32 -7.93
C TYR A 84 -29.56 7.65 -8.36
N ASP A 85 -28.25 7.65 -8.58
CA ASP A 85 -27.53 8.83 -9.03
C ASP A 85 -28.10 9.33 -10.36
N LYS A 86 -28.22 8.41 -11.31
CA LYS A 86 -28.84 8.71 -12.60
C LYS A 86 -30.10 7.86 -12.76
N LEU A 87 -30.71 7.95 -13.94
CA LEU A 87 -31.86 7.12 -14.26
C LEU A 87 -31.41 5.73 -14.71
N THR A 88 -30.16 5.64 -15.13
CA THR A 88 -29.61 4.40 -15.65
C THR A 88 -28.67 3.71 -14.66
N THR A 89 -28.62 4.22 -13.43
CA THR A 89 -27.76 3.65 -12.40
C THR A 89 -28.10 2.20 -12.11
N GLN A 90 -27.09 1.33 -12.17
CA GLN A 90 -27.27 -0.08 -11.86
C GLN A 90 -26.94 -0.33 -10.38
N SER A 91 -27.35 -1.49 -9.88
CA SER A 91 -27.11 -1.84 -8.49
C SER A 91 -26.01 -2.88 -8.34
N TRP A 92 -25.22 -2.75 -7.28
CA TRP A 92 -24.18 -3.71 -6.96
C TRP A 92 -24.80 -5.09 -6.78
N PHE A 93 -24.38 -6.04 -7.63
CA PHE A 93 -24.92 -7.40 -7.63
C PHE A 93 -26.44 -7.43 -7.81
N GLU A 94 -26.98 -6.38 -8.44
CA GLU A 94 -28.41 -6.24 -8.67
C GLU A 94 -29.20 -6.25 -7.37
N ASN A 95 -28.60 -5.69 -6.32
CA ASN A 95 -29.21 -5.64 -4.99
C ASN A 95 -29.54 -7.00 -4.38
N ASN A 96 -28.80 -8.03 -4.79
CA ASN A 96 -28.90 -9.36 -4.18
C ASN A 96 -28.44 -9.32 -2.72
N LEU A 97 -29.35 -9.61 -1.80
CA LEU A 97 -29.07 -9.49 -0.36
C LEU A 97 -27.87 -10.32 0.10
N GLN A 98 -27.92 -11.63 -0.12
CA GLN A 98 -26.87 -12.53 0.37
C GLN A 98 -25.51 -12.26 -0.27
N LYS A 99 -25.52 -11.75 -1.49
CA LYS A 99 -24.27 -11.49 -2.20
C LYS A 99 -23.64 -10.18 -1.71
N ILE A 100 -24.46 -9.16 -1.50
CA ILE A 100 -23.96 -7.88 -1.00
C ILE A 100 -23.34 -8.05 0.39
N ALA A 101 -24.02 -8.77 1.27
CA ALA A 101 -23.54 -8.97 2.63
C ALA A 101 -22.27 -9.82 2.71
N SER A 102 -22.26 -10.93 1.98
CA SER A 102 -21.14 -11.87 2.06
C SER A 102 -19.88 -11.32 1.40
N VAL A 103 -20.02 -10.78 0.19
CA VAL A 103 -18.88 -10.23 -0.54
C VAL A 103 -18.27 -9.04 0.20
N SER A 104 -19.11 -8.26 0.87
CA SER A 104 -18.64 -7.16 1.70
C SER A 104 -17.79 -7.70 2.85
N ALA A 105 -18.29 -8.75 3.50
CA ALA A 105 -17.57 -9.38 4.60
C ALA A 105 -16.30 -10.03 4.10
N SER A 106 -16.37 -10.62 2.92
CA SER A 106 -15.21 -11.25 2.30
C SER A 106 -14.12 -10.22 2.00
N MET A 107 -14.52 -9.12 1.37
CA MET A 107 -13.59 -8.04 1.04
C MET A 107 -12.94 -7.48 2.29
N ALA A 108 -13.75 -7.24 3.32
CA ALA A 108 -13.26 -6.72 4.59
C ALA A 108 -12.27 -7.70 5.20
N THR A 109 -12.61 -8.98 5.15
CA THR A 109 -11.76 -10.04 5.68
C THR A 109 -10.40 -10.09 4.96
N ALA A 110 -10.42 -9.99 3.64
CA ALA A 110 -9.21 -10.10 2.83
C ALA A 110 -8.22 -8.99 3.13
N LYS A 111 -8.68 -7.75 3.05
CA LYS A 111 -7.82 -6.59 3.26
C LYS A 111 -7.30 -6.51 4.70
N PHE A 112 -8.21 -6.70 5.66
CA PHE A 112 -7.87 -6.56 7.06
C PHE A 112 -6.79 -7.56 7.49
N ASN A 113 -7.00 -8.83 7.17
CA ASN A 113 -6.02 -9.86 7.49
C ASN A 113 -4.66 -9.59 6.83
N GLU A 114 -4.68 -9.13 5.58
CA GLU A 114 -3.45 -8.81 4.87
C GLU A 114 -2.64 -7.74 5.57
N VAL A 115 -3.28 -6.63 5.89
CA VAL A 115 -2.61 -5.51 6.53
C VAL A 115 -2.14 -5.87 7.94
N MET A 116 -2.98 -6.57 8.69
CA MET A 116 -2.68 -6.89 10.07
C MET A 116 -1.51 -7.87 10.21
N ARG A 117 -1.32 -8.70 9.18
CA ARG A 117 -0.23 -9.65 9.21
C ARG A 117 1.09 -8.91 9.27
N GLU A 118 1.16 -7.79 8.56
CA GLU A 118 2.42 -7.06 8.38
C GLU A 118 3.12 -6.84 9.71
N LYS A 119 2.40 -6.29 10.68
CA LYS A 119 2.97 -5.97 11.98
C LYS A 119 2.63 -7.01 13.04
N TYR A 120 1.68 -7.88 12.72
CA TYR A 120 1.26 -8.91 13.66
C TYR A 120 1.02 -10.25 12.99
N PRO A 121 2.08 -10.89 12.49
CA PRO A 121 1.93 -12.17 11.79
C PRO A 121 1.55 -13.30 12.74
N ASP A 122 1.64 -13.05 14.05
CA ASP A 122 1.31 -14.05 15.05
C ASP A 122 -0.19 -14.05 15.38
N LYS A 123 -0.86 -12.95 15.03
CA LYS A 123 -2.29 -12.81 15.24
C LYS A 123 -3.05 -13.90 14.49
N PRO A 124 -4.08 -14.48 15.12
CA PRO A 124 -4.91 -15.48 14.44
C PRO A 124 -5.76 -14.84 13.35
N LEU A 125 -6.44 -15.65 12.56
CA LEU A 125 -7.26 -15.13 11.46
C LEU A 125 -8.46 -14.34 11.99
N ALA A 126 -8.64 -13.15 11.43
CA ALA A 126 -9.79 -12.32 11.78
C ALA A 126 -10.94 -12.59 10.81
N THR A 127 -12.16 -12.68 11.36
CA THR A 127 -13.34 -12.88 10.53
C THR A 127 -14.39 -11.81 10.80
N PHE A 128 -15.31 -11.65 9.86
CA PHE A 128 -16.34 -10.62 9.96
C PHE A 128 -17.69 -11.18 9.52
N ASP A 129 -18.76 -10.56 10.00
CA ASP A 129 -20.09 -10.86 9.48
C ASP A 129 -20.55 -9.68 8.64
N GLY A 130 -21.62 -9.87 7.88
CA GLY A 130 -22.15 -8.81 7.05
C GLY A 130 -23.66 -8.82 6.99
N ARG A 131 -24.25 -7.64 6.97
CA ARG A 131 -25.70 -7.51 6.85
C ARG A 131 -26.06 -6.28 6.03
N ALA A 132 -27.05 -6.42 5.17
CA ALA A 132 -27.47 -5.31 4.33
C ALA A 132 -28.94 -4.95 4.57
N GLN A 133 -29.31 -3.73 4.21
CA GLN A 133 -30.67 -3.25 4.41
C GLN A 133 -30.90 -2.00 3.58
N VAL A 134 -32.15 -1.53 3.55
CA VAL A 134 -32.47 -0.26 2.93
C VAL A 134 -32.94 0.74 3.97
N LEU A 135 -32.88 2.02 3.62
CA LEU A 135 -33.33 3.09 4.49
C LEU A 135 -33.99 4.18 3.67
N PRO A 136 -35.05 4.78 4.20
CA PRO A 136 -35.62 5.98 3.56
C PRO A 136 -34.61 7.11 3.63
N GLN A 137 -34.68 8.04 2.69
CA GLN A 137 -33.73 9.14 2.59
C GLN A 137 -33.60 9.97 3.88
N ASP A 138 -34.73 10.20 4.55
CA ASP A 138 -34.71 11.03 5.76
C ASP A 138 -34.38 10.22 7.02
N GLU A 139 -33.71 9.08 6.84
CA GLU A 139 -33.29 8.25 7.97
C GLU A 139 -31.82 7.88 7.86
N VAL A 140 -31.19 8.26 6.75
CA VAL A 140 -29.79 7.93 6.52
C VAL A 140 -28.89 8.67 7.50
N ALA A 141 -29.10 9.98 7.63
CA ALA A 141 -28.37 10.78 8.60
C ALA A 141 -28.61 10.23 10.00
N ASN A 142 -29.87 9.95 10.30
CA ASN A 142 -30.25 9.37 11.58
C ASN A 142 -29.59 8.03 11.86
N TYR A 143 -29.21 7.31 10.81
CA TYR A 143 -28.50 6.04 10.97
C TYR A 143 -27.10 6.25 11.54
N PHE A 144 -26.35 7.15 10.90
CA PHE A 144 -24.98 7.43 11.33
C PHE A 144 -24.96 8.16 12.68
N ILE A 145 -25.97 8.99 12.91
CA ILE A 145 -26.15 9.64 14.21
C ILE A 145 -26.34 8.56 15.28
N TRP A 146 -27.10 7.53 14.93
CA TRP A 146 -27.33 6.41 15.82
C TRP A 146 -26.04 5.64 16.06
N ARG A 147 -25.19 5.58 15.02
CA ARG A 147 -23.92 4.87 15.11
C ARG A 147 -22.88 5.66 15.90
N GLN A 148 -22.91 6.99 15.77
CA GLN A 148 -22.00 7.85 16.52
C GLN A 148 -22.37 7.86 18.01
N GLN A 149 -23.65 7.78 18.30
CA GLN A 149 -24.11 7.73 19.68
C GLN A 149 -23.74 6.40 20.33
N ASP A 150 -23.60 5.36 19.50
CA ASP A 150 -23.16 4.07 19.97
C ASP A 150 -21.64 4.04 20.02
N ALA A 151 -21.01 4.97 19.29
CA ALA A 151 -19.56 5.11 19.27
C ALA A 151 -19.07 5.75 20.57
N SER A 152 -19.76 6.80 21.00
CA SER A 152 -19.37 7.54 22.20
C SER A 152 -19.60 6.72 23.47
N LYS A 153 -20.72 6.01 23.53
CA LYS A 153 -21.03 5.20 24.70
C LYS A 153 -20.05 4.04 24.84
N ASN A 154 -19.58 3.53 23.71
CA ASN A 154 -18.55 2.49 23.71
C ASN A 154 -17.17 3.08 24.01
N SER A 155 -16.95 4.31 23.56
CA SER A 155 -15.68 5.00 23.75
C SER A 155 -15.39 5.25 25.23
N ILE A 156 -16.38 5.78 25.94
CA ILE A 156 -16.25 6.07 27.36
C ILE A 156 -16.04 4.79 28.16
N SER A 157 -16.80 3.75 27.82
CA SER A 157 -16.69 2.47 28.50
C SER A 157 -15.33 1.81 28.28
N MET A 158 -14.82 1.89 27.06
CA MET A 158 -13.53 1.31 26.72
C MET A 158 -12.38 1.96 27.47
N VAL A 159 -12.39 3.30 27.52
CA VAL A 159 -11.37 4.05 28.24
C VAL A 159 -11.42 3.76 29.73
N ALA A 160 -12.62 3.79 30.30
CA ALA A 160 -12.81 3.56 31.72
C ALA A 160 -12.44 2.13 32.12
N GLN A 161 -12.79 1.17 31.27
CA GLN A 161 -12.50 -0.24 31.56
C GLN A 161 -11.01 -0.55 31.40
N ALA A 162 -10.26 0.42 30.89
CA ALA A 162 -8.82 0.25 30.69
C ALA A 162 -8.03 0.89 31.83
N ASN A 163 -8.72 1.65 32.67
CA ASN A 163 -8.08 2.32 33.81
C ASN A 163 -8.49 1.72 35.15
N PHE A 164 -9.79 1.54 35.34
CA PHE A 164 -10.30 1.08 36.63
C PHE A 164 -10.47 -0.44 36.67
N PRO A 165 -10.72 -0.98 37.87
CA PRO A 165 -11.01 -2.40 38.05
C PRO A 165 -12.42 -2.70 37.58
N HIS A 166 -12.75 -3.98 37.40
CA HIS A 166 -14.05 -4.39 36.87
C HIS A 166 -15.21 -4.00 37.79
N LYS A 167 -15.06 -4.27 39.08
CA LYS A 167 -16.12 -3.99 40.04
C LYS A 167 -16.33 -2.50 40.26
N GLN A 168 -15.25 -1.73 40.20
CA GLN A 168 -15.29 -0.30 40.48
C GLN A 168 -16.17 0.50 39.51
N LEU A 169 -16.36 -0.03 38.30
CA LEU A 169 -17.17 0.65 37.29
C LEU A 169 -18.32 -0.22 36.82
N LEU A 172 -22.17 1.66 36.77
CA LEU A 172 -22.34 3.09 36.52
C LEU A 172 -22.60 3.34 35.03
N ASN A 173 -23.08 4.55 34.73
CA ASN A 173 -23.39 4.91 33.35
C ASN A 173 -22.29 5.69 32.66
N GLY A 174 -22.62 6.32 31.53
CA GLY A 174 -21.65 7.05 30.74
C GLY A 174 -21.22 8.36 31.39
N LYS A 175 -22.19 9.09 31.92
CA LYS A 175 -21.90 10.37 32.59
C LYS A 175 -21.13 10.14 33.89
N ASP A 176 -21.25 8.95 34.44
CA ASP A 176 -20.58 8.60 35.69
C ASP A 176 -19.12 8.23 35.46
N MET A 177 -18.87 7.37 34.47
CA MET A 177 -17.52 6.93 34.15
C MET A 177 -16.70 8.05 33.50
N GLN A 178 -17.38 9.11 33.09
CA GLN A 178 -16.71 10.24 32.46
C GLN A 178 -16.12 11.18 33.52
N ASP A 179 -16.87 11.38 34.60
CA ASP A 179 -16.40 12.20 35.70
C ASP A 179 -15.60 11.39 36.71
N LYS A 180 -15.71 10.06 36.62
CA LYS A 180 -14.90 9.17 37.44
C LYS A 180 -13.48 9.15 36.89
N LEU A 181 -13.34 9.47 35.61
CA LEU A 181 -12.04 9.53 34.98
C LEU A 181 -11.40 10.90 35.17
N MET A 182 -12.25 11.93 35.28
CA MET A 182 -11.79 13.30 35.43
C MET A 182 -11.32 13.56 36.86
N THR A 183 -12.07 13.04 37.82
CA THR A 183 -11.78 13.25 39.23
C THR A 183 -10.75 12.25 39.75
N GLU A 184 -11.09 10.97 39.69
CA GLU A 184 -10.29 9.92 40.29
C GLU A 184 -8.96 9.66 39.56
N LYS A 185 -9.00 9.66 38.23
CA LYS A 185 -7.81 9.33 37.44
C LYS A 185 -7.25 10.51 36.65
N ASN A 186 -7.89 11.67 36.77
CA ASN A 186 -7.44 12.89 36.10
C ASN A 186 -7.31 12.72 34.58
N ILE A 187 -8.28 12.04 33.98
CA ILE A 187 -8.27 11.80 32.54
C ILE A 187 -9.51 12.39 31.88
N ASN A 188 -9.28 13.28 30.90
CA ASN A 188 -10.37 13.96 30.22
C ASN A 188 -10.75 13.28 28.91
N TRP A 189 -11.98 12.78 28.85
CA TRP A 189 -12.46 12.06 27.67
C TRP A 189 -12.66 13.00 26.48
N ASN A 190 -13.14 14.20 26.75
CA ASN A 190 -13.40 15.18 25.70
C ASN A 190 -12.13 15.70 25.04
N ASP A 191 -10.98 15.42 25.65
CA ASP A 191 -9.70 15.85 25.13
C ASP A 191 -9.12 14.83 24.15
N LEU A 192 -9.72 13.64 24.11
CA LEU A 192 -9.28 12.58 23.22
C LEU A 192 -9.53 12.93 21.75
N PRO A 193 -8.71 12.37 20.84
CA PRO A 193 -8.88 12.61 19.39
C PRO A 193 -10.25 12.13 18.88
N VAL A 194 -10.68 12.69 17.76
CA VAL A 194 -12.03 12.46 17.24
C VAL A 194 -12.39 10.99 17.04
N TRP A 195 -11.50 10.23 16.39
CA TRP A 195 -11.80 8.85 16.05
C TRP A 195 -11.97 7.93 17.27
N GLN A 196 -11.39 8.33 18.39
CA GLN A 196 -11.53 7.56 19.62
C GLN A 196 -12.84 7.90 20.33
N LYS A 197 -13.29 9.13 20.18
CA LYS A 197 -14.49 9.60 20.86
C LYS A 197 -15.78 9.23 20.14
N ARG A 198 -15.80 9.41 18.82
CA ARG A 198 -17.02 9.19 18.05
C ARG A 198 -16.75 8.58 16.67
N GLY A 199 -15.60 7.93 16.52
CA GLY A 199 -15.23 7.30 15.26
C GLY A 199 -15.01 8.30 14.14
N ILE A 200 -14.70 7.81 12.95
CA ILE A 200 -14.49 8.67 11.80
C ILE A 200 -15.14 8.13 10.52
N CYS A 201 -15.17 8.96 9.49
CA CYS A 201 -15.72 8.56 8.19
C CYS A 201 -14.64 8.48 7.13
N ILE A 202 -14.96 7.78 6.05
CA ILE A 202 -14.08 7.69 4.89
C ILE A 202 -14.82 8.24 3.68
N ILE A 203 -14.33 9.36 3.14
CA ILE A 203 -15.00 10.03 2.03
C ILE A 203 -14.04 10.21 0.86
N LYS A 204 -14.57 10.13 -0.36
CA LYS A 204 -13.79 10.44 -1.56
C LYS A 204 -13.40 11.91 -1.56
N GLU A 205 -12.10 12.18 -1.61
CA GLU A 205 -11.60 13.55 -1.64
C GLU A 205 -11.03 13.87 -3.03
N PHE A 206 -11.28 15.09 -3.49
CA PHE A 206 -10.84 15.51 -4.82
C PHE A 206 -9.59 16.37 -4.76
N TYR A 207 -8.75 16.26 -5.78
CA TYR A 207 -7.50 17.01 -5.83
C TYR A 207 -6.99 17.16 -7.27
N ARG A 214 -8.17 14.43 -10.11
CA ARG A 214 -8.32 13.05 -9.65
C ARG A 214 -8.99 12.98 -8.29
N SER A 215 -9.37 11.78 -7.86
CA SER A 215 -10.05 11.59 -6.59
C SER A 215 -9.54 10.35 -5.84
N ARG A 216 -9.69 10.37 -4.52
CA ARG A 216 -9.22 9.27 -3.69
C ARG A 216 -10.03 9.19 -2.39
N TRP A 217 -10.17 7.99 -1.85
CA TRP A 217 -10.83 7.82 -0.56
C TRP A 217 -9.84 8.10 0.55
N SER A 218 -10.24 8.95 1.49
CA SER A 218 -9.34 9.38 2.56
C SER A 218 -10.03 9.38 3.92
N VAL A 219 -9.23 9.28 4.97
CA VAL A 219 -9.75 9.36 6.33
C VAL A 219 -9.93 10.82 6.72
N ASP A 220 -11.14 11.19 7.12
CA ASP A 220 -11.41 12.54 7.57
C ASP A 220 -11.41 12.60 9.09
N HIS A 221 -10.32 13.08 9.67
CA HIS A 221 -10.21 13.19 11.11
C HIS A 221 -10.94 14.43 11.63
N GLU A 222 -11.44 15.24 10.70
CA GLU A 222 -12.28 16.37 11.04
C GLU A 222 -13.75 16.00 10.84
N THR A 223 -14.03 14.70 10.91
CA THR A 223 -15.40 14.21 10.79
C THR A 223 -16.25 14.76 11.92
N PRO A 224 -17.29 15.53 11.56
CA PRO A 224 -18.12 16.23 12.56
C PRO A 224 -19.09 15.30 13.27
N ILE A 225 -19.76 15.84 14.29
CA ILE A 225 -20.87 15.15 14.91
C ILE A 225 -22.06 15.30 13.98
N ILE A 226 -22.53 14.18 13.43
CA ILE A 226 -23.57 14.20 12.41
C ILE A 226 -24.84 14.92 12.87
N SER A 227 -25.18 14.76 14.15
CA SER A 227 -26.38 15.39 14.69
C SER A 227 -26.29 16.92 14.68
N LYS A 228 -25.08 17.44 14.53
CA LYS A 228 -24.86 18.88 14.45
C LYS A 228 -24.47 19.31 13.03
N ASP A 229 -24.37 18.33 12.13
CA ASP A 229 -24.04 18.62 10.73
C ASP A 229 -24.58 17.49 9.84
N ARG A 230 -25.89 17.51 9.61
CA ARG A 230 -26.57 16.45 8.89
C ARG A 230 -26.27 16.44 7.40
N GLU A 231 -25.92 17.60 6.86
CA GLU A 231 -25.60 17.71 5.43
C GLU A 231 -24.32 16.95 5.08
N TYR A 232 -23.51 16.68 6.10
CA TYR A 232 -22.29 15.89 5.92
C TYR A 232 -22.62 14.51 5.36
N VAL A 233 -23.77 13.97 5.75
CA VAL A 233 -24.24 12.69 5.24
C VAL A 233 -25.24 12.89 4.10
N GLU A 234 -26.18 13.82 4.31
CA GLU A 234 -27.27 14.04 3.36
C GLU A 234 -26.80 14.53 1.99
N GLN A 235 -25.55 14.97 1.90
CA GLN A 235 -24.98 15.40 0.62
C GLN A 235 -24.88 14.23 -0.35
N PHE A 236 -24.86 13.01 0.19
CA PHE A 236 -24.76 11.81 -0.63
C PHE A 236 -26.14 11.16 -0.79
N VAL A 237 -27.09 11.61 0.03
CA VAL A 237 -28.43 11.01 0.06
C VAL A 237 -29.35 11.64 -0.99
N TYR A 238 -29.36 12.96 -1.06
CA TYR A 238 -30.18 13.68 -2.02
C TYR A 238 -29.33 14.18 -3.19
N LEU A 239 -29.52 13.56 -4.35
CA LEU A 239 -28.70 13.86 -5.53
C LEU A 239 -29.08 15.19 -6.17
N ASN A 240 -30.33 15.30 -6.62
CA ASN A 240 -30.81 16.51 -7.28
C ASN A 240 -31.06 17.66 -6.31
N SER B 3 -38.13 6.12 19.88
CA SER B 3 -36.68 6.00 20.05
C SER B 3 -35.98 5.75 18.73
N ILE B 4 -34.91 6.50 18.47
CA ILE B 4 -34.15 6.36 17.24
C ILE B 4 -33.54 4.97 17.10
N GLY B 5 -33.07 4.41 18.21
CA GLY B 5 -32.50 3.07 18.22
C GLY B 5 -33.57 2.02 17.94
N ASP B 6 -34.80 2.34 18.28
CA ASP B 6 -35.92 1.42 18.06
C ASP B 6 -36.39 1.43 16.62
N ARG B 7 -36.34 2.58 15.96
CA ARG B 7 -36.67 2.67 14.54
C ARG B 7 -35.62 1.94 13.71
N MET B 8 -34.36 2.25 13.98
CA MET B 8 -33.24 1.65 13.26
C MET B 8 -33.25 0.13 13.41
N LYS B 9 -33.56 -0.33 14.62
CA LYS B 9 -33.64 -1.77 14.88
C LYS B 9 -34.71 -2.42 14.01
N ARG B 10 -35.82 -1.72 13.80
CA ARG B 10 -36.88 -2.22 12.93
C ARG B 10 -36.48 -2.20 11.46
N TYR B 11 -35.76 -1.16 11.07
CA TYR B 11 -35.23 -1.05 9.71
C TYR B 11 -34.29 -2.20 9.40
N GLU B 12 -33.49 -2.58 10.38
CA GLU B 12 -32.53 -3.66 10.23
C GLU B 12 -33.23 -5.01 10.26
N ASN B 13 -34.22 -5.14 11.14
CA ASN B 13 -34.96 -6.39 11.28
C ASN B 13 -35.83 -6.72 10.07
N ALA B 14 -36.06 -5.71 9.23
CA ALA B 14 -36.84 -5.90 8.02
C ALA B 14 -36.17 -6.91 7.09
N TYR B 15 -34.85 -7.02 7.22
CA TYR B 15 -34.11 -8.01 6.45
C TYR B 15 -33.31 -8.95 7.35
N ARG B 16 -33.78 -9.13 8.58
CA ARG B 16 -33.21 -10.12 9.46
C ARG B 16 -33.91 -11.45 9.18
N ILE B 17 -33.56 -12.06 8.05
CA ILE B 17 -34.17 -13.32 7.64
C ILE B 17 -33.57 -14.48 8.41
N LYS B 18 -34.43 -15.37 8.89
CA LYS B 18 -33.98 -16.61 9.50
C LYS B 18 -34.53 -17.81 8.74
N LEU B 19 -33.68 -18.82 8.55
CA LEU B 19 -34.10 -20.05 7.90
C LEU B 19 -34.89 -20.89 8.90
N PRO B 20 -35.94 -21.57 8.42
CA PRO B 20 -36.70 -22.48 9.28
C PRO B 20 -35.80 -23.57 9.84
N GLU B 21 -35.99 -23.91 11.11
CA GLU B 21 -35.10 -24.84 11.80
C GLU B 21 -35.47 -26.30 11.55
N ARG B 22 -34.64 -27.19 12.08
CA ARG B 22 -34.84 -28.64 11.96
C ARG B 22 -34.98 -29.15 10.53
N MET B 23 -34.16 -28.61 9.63
CA MET B 23 -34.07 -29.13 8.27
C MET B 23 -32.69 -28.84 7.69
N PRO B 24 -32.23 -29.67 6.73
CA PRO B 24 -30.92 -29.50 6.10
C PRO B 24 -30.68 -28.08 5.59
N VAL B 25 -29.52 -27.53 5.91
CA VAL B 25 -29.09 -26.24 5.40
C VAL B 25 -27.89 -26.42 4.49
N ILE B 26 -27.95 -25.83 3.30
CA ILE B 26 -26.83 -25.86 2.38
C ILE B 26 -26.25 -24.47 2.22
N VAL B 27 -24.94 -24.36 2.41
CA VAL B 27 -24.24 -23.12 2.12
C VAL B 27 -23.29 -23.36 0.95
N ARG B 28 -23.34 -22.48 -0.04
CA ARG B 28 -22.35 -22.55 -1.11
C ARG B 28 -21.49 -21.29 -1.15
N ILE B 29 -20.19 -21.51 -1.15
CA ILE B 29 -19.22 -20.43 -1.24
C ILE B 29 -18.54 -20.50 -2.61
N ASP B 30 -18.50 -19.38 -3.32
CA ASP B 30 -17.92 -19.37 -4.65
C ASP B 30 -16.90 -18.25 -4.82
N GLY B 31 -15.77 -18.57 -5.45
CA GLY B 31 -14.74 -17.59 -5.70
C GLY B 31 -15.19 -16.52 -6.67
N ALA B 32 -14.92 -15.26 -6.33
CA ALA B 32 -15.26 -14.14 -7.20
C ALA B 32 -14.15 -13.92 -8.22
N HIS B 33 -14.54 -13.80 -9.49
CA HIS B 33 -13.61 -13.50 -10.59
C HIS B 33 -12.44 -14.47 -10.64
N PHE B 34 -12.72 -15.76 -10.45
CA PHE B 34 -11.65 -16.76 -10.40
C PHE B 34 -11.15 -17.19 -11.78
N HIS B 35 -11.65 -16.56 -12.83
CA HIS B 35 -11.06 -16.74 -14.15
C HIS B 35 -9.84 -15.84 -14.22
N THR B 36 -9.95 -14.66 -13.62
CA THR B 36 -8.85 -13.72 -13.53
C THR B 36 -7.85 -14.16 -12.46
N TYR B 37 -8.37 -14.60 -11.32
CA TYR B 37 -7.51 -15.00 -10.20
C TYR B 37 -6.65 -16.21 -10.53
N THR B 38 -7.22 -17.19 -11.24
CA THR B 38 -6.49 -18.41 -11.59
C THR B 38 -5.76 -18.27 -12.92
N LYS B 39 -5.77 -17.07 -13.48
CA LYS B 39 -4.99 -16.76 -14.66
C LYS B 39 -3.52 -16.72 -14.28
N GLY B 40 -2.78 -17.75 -14.67
CA GLY B 40 -1.39 -17.88 -14.27
C GLY B 40 -1.16 -19.21 -13.58
N CYS B 41 -2.24 -19.80 -13.07
CA CYS B 41 -2.16 -21.10 -12.42
C CYS B 41 -1.98 -22.21 -13.45
N ALA B 42 -1.58 -23.39 -12.99
CA ALA B 42 -1.42 -24.54 -13.87
C ALA B 42 -2.76 -24.99 -14.43
N LYS B 43 -2.87 -24.98 -15.76
CA LYS B 43 -4.08 -25.44 -16.42
C LYS B 43 -3.87 -26.86 -16.96
N PRO B 44 -4.94 -27.67 -16.97
CA PRO B 44 -6.30 -27.34 -16.57
C PRO B 44 -6.54 -27.43 -15.06
N PHE B 45 -5.65 -28.10 -14.34
CA PHE B 45 -5.81 -28.27 -12.89
C PHE B 45 -4.54 -27.91 -12.11
N ASP B 46 -4.66 -26.97 -11.18
CA ASP B 46 -3.54 -26.57 -10.35
C ASP B 46 -3.61 -27.26 -8.99
N GLN B 47 -2.66 -28.15 -8.74
CA GLN B 47 -2.63 -28.92 -7.49
C GLN B 47 -2.54 -28.02 -6.27
N ASP B 48 -1.71 -26.98 -6.36
CA ASP B 48 -1.53 -26.05 -5.25
C ASP B 48 -2.82 -25.30 -4.92
N LEU B 49 -3.53 -24.88 -5.96
CA LEU B 49 -4.78 -24.16 -5.80
C LEU B 49 -5.84 -25.06 -5.16
N ALA B 50 -5.92 -26.29 -5.65
CA ALA B 50 -6.88 -27.27 -5.12
C ALA B 50 -6.65 -27.60 -3.65
N GLU B 51 -5.38 -27.74 -3.27
CA GLU B 51 -5.03 -28.04 -1.89
C GLU B 51 -5.35 -26.87 -0.96
N ALA B 52 -5.26 -25.66 -1.51
CA ALA B 52 -5.63 -24.46 -0.75
C ALA B 52 -7.13 -24.46 -0.48
N PHE B 53 -7.90 -24.93 -1.45
CA PHE B 53 -9.34 -25.06 -1.28
C PHE B 53 -9.67 -26.10 -0.23
N TRP B 54 -8.93 -27.22 -0.26
CA TRP B 54 -9.17 -28.32 0.66
C TRP B 54 -8.89 -27.91 2.11
N GLU B 55 -7.83 -27.12 2.31
CA GLU B 55 -7.51 -26.60 3.63
C GLU B 55 -8.61 -25.66 4.10
N THR B 56 -9.21 -24.94 3.17
CA THR B 56 -10.32 -24.05 3.48
C THR B 56 -11.54 -24.88 3.87
N CYS B 57 -11.81 -25.93 3.11
CA CYS B 57 -12.92 -26.83 3.40
C CYS B 57 -12.82 -27.43 4.81
N LYS B 58 -11.62 -27.82 5.21
CA LYS B 58 -11.38 -28.32 6.55
C LYS B 58 -11.68 -27.22 7.58
N TYR B 59 -11.06 -26.07 7.38
CA TYR B 59 -11.26 -24.91 8.24
C TYR B 59 -12.74 -24.56 8.38
N LEU B 60 -13.47 -24.65 7.28
CA LEU B 60 -14.90 -24.39 7.30
C LEU B 60 -15.63 -25.43 8.14
N ALA B 61 -15.36 -26.70 7.87
CA ALA B 61 -16.02 -27.80 8.58
C ALA B 61 -15.73 -27.79 10.08
N GLN B 62 -14.58 -27.26 10.46
CA GLN B 62 -14.18 -27.22 11.88
C GLN B 62 -14.90 -26.12 12.65
N ASN B 63 -15.19 -25.01 11.98
CA ASN B 63 -15.73 -23.83 12.66
C ASN B 63 -17.20 -23.53 12.37
N ILE B 64 -17.90 -24.47 11.74
CA ILE B 64 -19.32 -24.29 11.46
C ILE B 64 -20.17 -25.29 12.22
N MET B 65 -21.01 -24.77 13.11
CA MET B 65 -21.87 -25.61 13.94
C MET B 65 -22.87 -26.38 13.10
N GLY B 66 -22.82 -27.70 13.19
CA GLY B 66 -23.76 -28.56 12.48
C GLY B 66 -23.21 -29.09 11.16
N ALA B 67 -22.02 -28.64 10.78
CA ALA B 67 -21.39 -29.08 9.54
C ALA B 67 -21.16 -30.58 9.53
N LYS B 68 -21.60 -31.24 8.46
CA LYS B 68 -21.51 -32.69 8.36
C LYS B 68 -20.71 -33.13 7.13
N LEU B 69 -20.79 -32.34 6.07
CA LEU B 69 -20.16 -32.70 4.81
C LEU B 69 -19.82 -31.47 3.98
N VAL B 70 -18.60 -31.46 3.42
CA VAL B 70 -18.16 -30.36 2.57
C VAL B 70 -17.76 -30.89 1.21
N TYR B 71 -18.28 -30.28 0.15
CA TYR B 71 -17.93 -30.69 -1.19
C TYR B 71 -17.21 -29.57 -1.94
N HIS B 72 -16.14 -29.92 -2.65
CA HIS B 72 -15.42 -28.93 -3.45
C HIS B 72 -15.25 -29.34 -4.90
N GLN B 73 -15.35 -28.36 -5.78
CA GLN B 73 -15.11 -28.53 -7.20
C GLN B 73 -14.81 -27.17 -7.78
N SER B 74 -13.78 -27.08 -8.61
CA SER B 74 -13.39 -25.82 -9.24
C SER B 74 -13.17 -24.73 -8.20
N ASP B 75 -14.04 -23.73 -8.19
CA ASP B 75 -13.90 -22.62 -7.25
C ASP B 75 -15.10 -22.51 -6.30
N GLU B 76 -15.83 -23.60 -6.14
CA GLU B 76 -17.01 -23.58 -5.29
C GLU B 76 -16.88 -24.55 -4.12
N ILE B 77 -17.50 -24.18 -3.00
CA ILE B 77 -17.53 -25.02 -1.82
C ILE B 77 -18.96 -25.15 -1.31
N SER B 78 -19.46 -26.39 -1.27
CA SER B 78 -20.80 -26.64 -0.73
C SER B 78 -20.69 -27.31 0.63
N ILE B 79 -21.47 -26.82 1.59
CA ILE B 79 -21.44 -27.33 2.96
C ILE B 79 -22.82 -27.81 3.40
N LEU B 80 -22.91 -29.07 3.80
CA LEU B 80 -24.15 -29.60 4.37
C LEU B 80 -24.18 -29.37 5.87
N ILE B 81 -25.22 -28.71 6.35
CA ILE B 81 -25.35 -28.42 7.77
C ILE B 81 -26.68 -28.94 8.31
N THR B 82 -26.62 -29.72 9.39
CA THR B 82 -27.83 -30.22 10.02
C THR B 82 -27.96 -29.67 11.43
N ASN B 83 -29.20 -29.50 11.89
CA ASN B 83 -29.46 -28.93 13.20
C ASN B 83 -30.54 -29.70 13.95
N TYR B 84 -30.66 -30.99 13.64
CA TYR B 84 -31.71 -31.82 14.21
C TYR B 84 -31.16 -33.16 14.70
N ASP B 85 -29.90 -33.16 15.13
CA ASP B 85 -29.27 -34.37 15.65
C ASP B 85 -29.93 -34.79 16.95
N LYS B 86 -30.22 -33.81 17.79
CA LYS B 86 -30.94 -34.05 19.04
C LYS B 86 -32.12 -33.08 19.10
N LEU B 87 -33.01 -33.30 20.07
CA LEU B 87 -34.18 -32.44 20.23
C LEU B 87 -33.79 -31.04 20.70
N THR B 88 -32.64 -30.94 21.36
CA THR B 88 -32.16 -29.66 21.87
C THR B 88 -30.96 -29.12 21.10
N THR B 89 -30.86 -29.53 19.84
CA THR B 89 -29.78 -29.04 18.97
C THR B 89 -30.03 -27.59 18.58
N GLN B 90 -29.00 -26.75 18.71
CA GLN B 90 -29.09 -25.36 18.31
C GLN B 90 -28.64 -25.17 16.87
N SER B 91 -28.92 -24.01 16.30
CA SER B 91 -28.53 -23.70 14.93
C SER B 91 -27.39 -22.68 14.92
N TRP B 92 -26.49 -22.82 13.95
CA TRP B 92 -25.41 -21.87 13.76
C TRP B 92 -26.01 -20.48 13.57
N PHE B 93 -25.65 -19.56 14.46
CA PHE B 93 -26.16 -18.18 14.42
C PHE B 93 -27.68 -18.12 14.45
N GLU B 94 -28.31 -19.18 14.97
CA GLU B 94 -29.76 -19.29 15.03
C GLU B 94 -30.41 -19.23 13.65
N ASN B 95 -29.74 -19.84 12.68
CA ASN B 95 -30.21 -19.87 11.29
C ASN B 95 -30.42 -18.50 10.66
N ASN B 96 -29.71 -17.49 11.16
CA ASN B 96 -29.72 -16.17 10.56
C ASN B 96 -29.07 -16.22 9.18
N LEU B 97 -29.86 -15.93 8.14
CA LEU B 97 -29.42 -16.08 6.76
C LEU B 97 -28.17 -15.26 6.43
N GLN B 98 -28.24 -13.95 6.62
CA GLN B 98 -27.14 -13.07 6.26
C GLN B 98 -25.89 -13.37 7.07
N LYS B 99 -26.06 -13.90 8.27
CA LYS B 99 -24.93 -14.20 9.14
C LYS B 99 -24.24 -15.49 8.71
N ILE B 100 -25.04 -16.50 8.38
CA ILE B 100 -24.49 -17.77 7.91
C ILE B 100 -23.74 -17.60 6.59
N ALA B 101 -24.32 -16.81 5.69
CA ALA B 101 -23.72 -16.61 4.37
C ALA B 101 -22.46 -15.76 4.41
N SER B 102 -22.51 -14.66 5.17
CA SER B 102 -21.39 -13.73 5.20
C SER B 102 -20.18 -14.30 5.96
N VAL B 103 -20.43 -14.92 7.11
CA VAL B 103 -19.35 -15.47 7.92
C VAL B 103 -18.68 -16.66 7.24
N SER B 104 -19.47 -17.49 6.58
CA SER B 104 -18.93 -18.60 5.78
C SER B 104 -17.98 -18.06 4.72
N ALA B 105 -18.40 -17.01 4.02
CA ALA B 105 -17.57 -16.38 3.00
C ALA B 105 -16.36 -15.72 3.65
N SER B 106 -16.55 -15.23 4.87
CA SER B 106 -15.45 -14.62 5.62
C SER B 106 -14.41 -15.66 5.99
N MET B 107 -14.86 -16.73 6.65
CA MET B 107 -13.99 -17.83 7.05
C MET B 107 -13.21 -18.39 5.86
N ALA B 108 -13.90 -18.58 4.74
CA ALA B 108 -13.26 -19.08 3.54
C ALA B 108 -12.20 -18.11 3.04
N THR B 109 -12.55 -16.84 2.98
CA THR B 109 -11.65 -15.79 2.53
C THR B 109 -10.37 -15.74 3.35
N ALA B 110 -10.52 -15.79 4.67
CA ALA B 110 -9.39 -15.68 5.58
C ALA B 110 -8.40 -16.83 5.40
N LYS B 111 -8.91 -18.06 5.43
CA LYS B 111 -8.06 -19.23 5.32
C LYS B 111 -7.45 -19.40 3.94
N PHE B 112 -8.24 -19.14 2.90
CA PHE B 112 -7.78 -19.33 1.53
C PHE B 112 -6.63 -18.38 1.18
N ASN B 113 -6.76 -17.12 1.58
CA ASN B 113 -5.71 -16.14 1.33
C ASN B 113 -4.44 -16.41 2.13
N GLU B 114 -4.62 -16.95 3.34
CA GLU B 114 -3.48 -17.29 4.18
C GLU B 114 -2.66 -18.43 3.57
N VAL B 115 -3.34 -19.49 3.18
CA VAL B 115 -2.70 -20.68 2.62
C VAL B 115 -2.06 -20.39 1.27
N MET B 116 -2.78 -19.69 0.41
CA MET B 116 -2.28 -19.34 -0.93
C MET B 116 -1.04 -18.45 -0.87
N ARG B 117 -1.08 -17.45 0.01
CA ARG B 117 0.05 -16.51 0.11
C ARG B 117 1.24 -17.10 0.85
N GLU B 118 1.15 -18.37 1.22
CA GLU B 118 2.27 -19.09 1.77
C GLU B 118 3.14 -19.61 0.63
N LYS B 119 2.50 -19.99 -0.46
CA LYS B 119 3.20 -20.44 -1.67
C LYS B 119 3.29 -19.33 -2.71
N TYR B 120 2.40 -18.34 -2.60
CA TYR B 120 2.36 -17.22 -3.54
C TYR B 120 2.13 -15.91 -2.80
N PRO B 121 3.19 -15.36 -2.18
CA PRO B 121 3.09 -14.15 -1.35
C PRO B 121 2.70 -12.89 -2.12
N ASP B 122 2.80 -12.91 -3.45
CA ASP B 122 2.46 -11.73 -4.24
C ASP B 122 1.19 -11.92 -5.05
N LYS B 123 0.44 -12.97 -4.74
CA LYS B 123 -0.86 -13.21 -5.36
C LYS B 123 -1.83 -12.14 -4.89
N PRO B 124 -2.67 -11.62 -5.79
CA PRO B 124 -3.69 -10.65 -5.38
C PRO B 124 -4.69 -11.27 -4.41
N LEU B 125 -5.40 -10.42 -3.67
CA LEU B 125 -6.37 -10.90 -2.68
C LEU B 125 -7.50 -11.70 -3.32
N ALA B 126 -7.91 -12.77 -2.65
CA ALA B 126 -9.02 -13.58 -3.12
C ALA B 126 -10.28 -13.27 -2.32
N THR B 127 -11.39 -13.12 -3.02
CA THR B 127 -12.67 -12.87 -2.37
C THR B 127 -13.71 -13.92 -2.75
N PHE B 128 -14.75 -14.05 -1.92
CA PHE B 128 -15.76 -15.08 -2.10
C PHE B 128 -17.16 -14.53 -1.81
N ASP B 129 -18.16 -15.15 -2.41
CA ASP B 129 -19.55 -14.85 -2.05
C ASP B 129 -20.12 -16.04 -1.29
N GLY B 130 -21.24 -15.83 -0.61
CA GLY B 130 -21.87 -16.90 0.15
C GLY B 130 -23.37 -16.84 0.06
N ARG B 131 -23.99 -18.01 -0.04
CA ARG B 131 -25.44 -18.10 -0.10
C ARG B 131 -25.93 -19.32 0.65
N ALA B 132 -27.02 -19.17 1.40
CA ALA B 132 -27.55 -20.26 2.18
C ALA B 132 -28.99 -20.56 1.77
N GLN B 133 -29.42 -21.79 2.06
CA GLN B 133 -30.76 -22.24 1.70
C GLN B 133 -31.11 -23.46 2.53
N VAL B 134 -32.35 -23.91 2.41
CA VAL B 134 -32.75 -25.16 3.02
C VAL B 134 -33.07 -26.18 1.93
N LEU B 135 -33.07 -27.46 2.32
CA LEU B 135 -33.45 -28.54 1.42
C LEU B 135 -34.20 -29.60 2.21
N PRO B 136 -35.24 -30.19 1.61
CA PRO B 136 -35.85 -31.37 2.22
C PRO B 136 -34.85 -32.52 2.27
N GLN B 137 -35.08 -33.46 3.18
CA GLN B 137 -34.15 -34.58 3.38
C GLN B 137 -33.97 -35.42 2.11
N ASP B 138 -35.04 -35.57 1.34
CA ASP B 138 -35.00 -36.40 0.15
C ASP B 138 -34.45 -35.66 -1.07
N GLU B 139 -33.80 -34.52 -0.83
CA GLU B 139 -33.21 -33.74 -1.91
C GLU B 139 -31.74 -33.41 -1.67
N VAL B 140 -31.25 -33.72 -0.48
CA VAL B 140 -29.86 -33.41 -0.13
C VAL B 140 -28.88 -34.19 -1.00
N ALA B 141 -29.07 -35.50 -1.09
CA ALA B 141 -28.22 -36.33 -1.93
C ALA B 141 -28.29 -35.85 -3.38
N ASN B 142 -29.49 -35.50 -3.82
CA ASN B 142 -29.69 -34.96 -5.17
C ASN B 142 -28.93 -33.66 -5.41
N TYR B 143 -28.80 -32.83 -4.37
CA TYR B 143 -28.07 -31.58 -4.49
C TYR B 143 -26.60 -31.82 -4.88
N PHE B 144 -25.97 -32.76 -4.18
CA PHE B 144 -24.57 -33.05 -4.42
C PHE B 144 -24.38 -33.82 -5.73
N ILE B 145 -25.36 -34.65 -6.07
CA ILE B 145 -25.37 -35.31 -7.36
C ILE B 145 -25.41 -34.27 -8.47
N TRP B 146 -26.22 -33.24 -8.24
CA TRP B 146 -26.32 -32.11 -9.17
C TRP B 146 -24.98 -31.39 -9.28
N ARG B 147 -24.31 -31.22 -8.14
CA ARG B 147 -23.01 -30.54 -8.11
C ARG B 147 -21.89 -31.38 -8.76
N GLN B 148 -21.97 -32.70 -8.60
CA GLN B 148 -20.98 -33.59 -9.18
C GLN B 148 -21.12 -33.67 -10.71
N GLN B 149 -22.35 -33.63 -11.19
CA GLN B 149 -22.60 -33.65 -12.62
C GLN B 149 -22.09 -32.39 -13.28
N ASP B 150 -22.22 -31.27 -12.58
CA ASP B 150 -21.68 -30.00 -13.06
C ASP B 150 -20.15 -30.04 -13.03
N ALA B 151 -19.62 -30.79 -12.07
CA ALA B 151 -18.17 -30.94 -11.93
C ALA B 151 -17.57 -31.68 -13.12
N SER B 152 -18.20 -32.79 -13.51
CA SER B 152 -17.74 -33.59 -14.64
C SER B 152 -17.87 -32.82 -15.95
N LYS B 153 -18.95 -32.05 -16.07
CA LYS B 153 -19.21 -31.28 -17.27
C LYS B 153 -18.13 -30.21 -17.46
N ASN B 154 -17.75 -29.56 -16.37
CA ASN B 154 -16.70 -28.54 -16.43
C ASN B 154 -15.30 -29.14 -16.54
N SER B 155 -15.10 -30.29 -15.90
CA SER B 155 -13.82 -30.99 -15.95
C SER B 155 -13.41 -31.30 -17.40
N ILE B 156 -14.30 -31.98 -18.11
CA ILE B 156 -14.07 -32.33 -19.50
C ILE B 156 -13.77 -31.10 -20.35
N SER B 157 -14.55 -30.06 -20.16
CA SER B 157 -14.37 -28.81 -20.91
C SER B 157 -13.03 -28.15 -20.62
N MET B 158 -12.61 -28.17 -19.36
CA MET B 158 -11.34 -27.57 -18.98
C MET B 158 -10.15 -28.30 -19.59
N VAL B 159 -10.23 -29.63 -19.63
CA VAL B 159 -9.18 -30.45 -20.22
C VAL B 159 -9.13 -30.23 -21.72
N ALA B 160 -10.30 -30.14 -22.35
CA ALA B 160 -10.38 -29.94 -23.78
C ALA B 160 -9.98 -28.51 -24.18
N GLN B 161 -10.08 -27.59 -23.24
CA GLN B 161 -9.73 -26.19 -23.50
C GLN B 161 -8.22 -25.98 -23.46
N ALA B 162 -7.54 -26.72 -22.60
CA ALA B 162 -6.10 -26.58 -22.43
C ALA B 162 -5.31 -27.47 -23.39
N ASN B 163 -6.00 -28.07 -24.36
CA ASN B 163 -5.36 -28.94 -25.32
C ASN B 163 -5.75 -28.65 -26.77
N PHE B 164 -6.76 -27.79 -26.93
CA PHE B 164 -7.20 -27.40 -28.26
C PHE B 164 -7.59 -25.92 -28.28
N PRO B 165 -7.49 -25.29 -29.45
CA PRO B 165 -8.00 -23.93 -29.66
C PRO B 165 -9.53 -23.90 -29.48
N HIS B 166 -10.07 -22.72 -29.18
CA HIS B 166 -11.50 -22.58 -28.91
C HIS B 166 -12.38 -23.03 -30.07
N LYS B 167 -11.93 -22.74 -31.28
CA LYS B 167 -12.75 -23.01 -32.44
C LYS B 167 -13.05 -24.49 -32.52
N GLN B 168 -12.05 -25.31 -32.21
CA GLN B 168 -12.20 -26.73 -32.41
C GLN B 168 -13.32 -27.31 -31.58
N LEU B 169 -13.38 -26.88 -30.32
CA LEU B 169 -14.40 -27.34 -29.40
C LEU B 169 -15.81 -26.93 -29.79
N GLN B 170 -15.95 -25.72 -30.33
CA GLN B 170 -17.27 -25.25 -30.73
C GLN B 170 -17.82 -26.15 -31.82
N GLY B 171 -19.07 -26.56 -31.67
CA GLY B 171 -19.74 -26.62 -30.39
C GLY B 171 -19.85 -28.10 -30.18
N LEU B 172 -19.19 -28.59 -29.13
CA LEU B 172 -18.99 -30.04 -28.95
C LEU B 172 -19.52 -30.57 -27.62
N ASN B 173 -20.11 -31.77 -27.68
CA ASN B 173 -20.68 -32.43 -26.53
C ASN B 173 -19.61 -32.83 -25.54
N GLY B 174 -20.02 -33.14 -24.32
CA GLY B 174 -19.11 -33.76 -23.36
C GLY B 174 -18.49 -35.05 -23.84
N LYS B 175 -19.32 -35.91 -24.45
CA LYS B 175 -18.84 -37.20 -24.96
C LYS B 175 -17.86 -36.99 -26.12
N ASP B 176 -18.11 -35.96 -26.92
CA ASP B 176 -17.26 -35.63 -28.06
C ASP B 176 -15.87 -35.19 -27.62
N MET B 177 -15.84 -34.21 -26.72
CA MET B 177 -14.58 -33.70 -26.20
C MET B 177 -13.79 -34.80 -25.48
N GLN B 178 -14.52 -35.75 -24.92
CA GLN B 178 -13.92 -36.88 -24.23
C GLN B 178 -13.24 -37.81 -25.23
N ASP B 179 -13.92 -38.07 -26.33
CA ASP B 179 -13.38 -38.93 -27.39
C ASP B 179 -12.25 -38.24 -28.14
N LYS B 180 -12.38 -36.94 -28.34
CA LYS B 180 -11.35 -36.17 -29.03
C LYS B 180 -10.08 -36.09 -28.20
N LEU B 181 -10.22 -36.07 -26.88
CA LEU B 181 -9.08 -36.07 -25.97
C LEU B 181 -8.31 -37.39 -26.07
N MET B 182 -9.04 -38.46 -26.37
CA MET B 182 -8.46 -39.79 -26.41
C MET B 182 -7.61 -40.03 -27.66
N THR B 183 -8.24 -39.92 -28.82
CA THR B 183 -7.60 -40.28 -30.08
C THR B 183 -6.61 -39.25 -30.59
N GLU B 184 -6.69 -38.02 -30.07
CA GLU B 184 -5.93 -36.91 -30.63
C GLU B 184 -4.84 -36.39 -29.68
N LYS B 185 -4.90 -36.78 -28.41
CA LYS B 185 -3.92 -36.33 -27.43
C LYS B 185 -3.49 -37.45 -26.48
N ASN B 186 -3.99 -38.66 -26.72
CA ASN B 186 -3.73 -39.80 -25.85
C ASN B 186 -4.10 -39.52 -24.39
N ILE B 187 -5.15 -38.74 -24.19
CA ILE B 187 -5.61 -38.40 -22.86
C ILE B 187 -6.95 -39.07 -22.55
N ASN B 188 -6.91 -40.06 -21.66
CA ASN B 188 -8.13 -40.71 -21.19
C ASN B 188 -8.64 -40.00 -19.95
N TRP B 189 -9.74 -39.26 -20.10
CA TRP B 189 -10.30 -38.46 -19.02
C TRP B 189 -10.60 -39.30 -17.78
N ASN B 190 -11.07 -40.52 -17.99
CA ASN B 190 -11.40 -41.42 -16.90
C ASN B 190 -10.20 -41.80 -16.02
N ASP B 191 -9.00 -41.68 -16.57
CA ASP B 191 -7.79 -42.04 -15.85
C ASP B 191 -7.30 -40.94 -14.92
N LEU B 192 -7.86 -39.74 -15.08
CA LEU B 192 -7.52 -38.62 -14.20
C LEU B 192 -7.90 -38.94 -12.76
N PRO B 193 -7.24 -38.28 -11.80
CA PRO B 193 -7.61 -38.49 -10.39
C PRO B 193 -9.04 -38.04 -10.11
N VAL B 194 -9.64 -38.59 -9.06
CA VAL B 194 -11.05 -38.36 -8.77
C VAL B 194 -11.41 -36.87 -8.65
N TRP B 195 -10.61 -36.12 -7.89
CA TRP B 195 -10.91 -34.72 -7.63
C TRP B 195 -10.91 -33.86 -8.89
N GLN B 196 -10.19 -34.30 -9.92
CA GLN B 196 -10.16 -33.58 -11.18
C GLN B 196 -11.36 -33.93 -12.07
N LYS B 197 -11.94 -35.10 -11.84
CA LYS B 197 -13.06 -35.56 -12.65
C LYS B 197 -14.41 -35.10 -12.11
N ARG B 198 -14.56 -35.11 -10.79
CA ARG B 198 -15.85 -34.84 -10.19
C ARG B 198 -15.76 -34.22 -8.79
N GLY B 199 -14.61 -33.61 -8.49
CA GLY B 199 -14.40 -32.99 -7.19
C GLY B 199 -14.32 -34.02 -6.08
N ILE B 200 -14.19 -33.55 -4.84
CA ILE B 200 -14.09 -34.44 -3.69
C ILE B 200 -14.83 -33.89 -2.48
N CYS B 201 -14.96 -34.73 -1.45
CA CYS B 201 -15.62 -34.33 -0.22
C CYS B 201 -14.66 -34.32 0.96
N ILE B 202 -14.91 -33.43 1.93
CA ILE B 202 -14.19 -33.45 3.19
C ILE B 202 -15.10 -34.05 4.27
N ILE B 203 -14.67 -35.16 4.85
CA ILE B 203 -15.45 -35.88 5.85
C ILE B 203 -14.66 -36.00 7.16
N LYS B 204 -15.38 -35.91 8.28
CA LYS B 204 -14.79 -36.19 9.58
C LYS B 204 -14.51 -37.69 9.69
N GLU B 205 -13.26 -38.04 9.99
CA GLU B 205 -12.89 -39.45 10.10
C GLU B 205 -12.59 -39.83 11.55
N SER B 215 -11.11 -37.43 16.43
CA SER B 215 -11.58 -37.26 15.05
C SER B 215 -10.95 -36.05 14.37
N ARG B 216 -10.93 -36.07 13.05
CA ARG B 216 -10.41 -34.94 12.28
C ARG B 216 -11.10 -34.83 10.92
N TRP B 217 -11.11 -33.63 10.36
CA TRP B 217 -11.65 -33.40 9.02
C TRP B 217 -10.58 -33.63 7.97
N SER B 218 -10.82 -34.58 7.08
CA SER B 218 -9.82 -34.94 6.08
C SER B 218 -10.41 -35.10 4.69
N VAL B 219 -9.57 -34.93 3.68
CA VAL B 219 -9.98 -35.10 2.30
C VAL B 219 -10.22 -36.57 1.96
N ASP B 220 -11.34 -36.84 1.30
CA ASP B 220 -11.62 -38.20 0.82
C ASP B 220 -11.34 -38.28 -0.67
N HIS B 221 -10.12 -38.71 -1.02
CA HIS B 221 -9.75 -38.84 -2.43
C HIS B 221 -10.43 -40.02 -3.11
N GLU B 222 -11.18 -40.79 -2.34
CA GLU B 222 -11.97 -41.89 -2.88
C GLU B 222 -13.46 -41.56 -2.85
N THR B 223 -13.79 -40.26 -2.85
CA THR B 223 -15.17 -39.80 -2.87
C THR B 223 -15.91 -40.38 -4.06
N PRO B 224 -16.97 -41.15 -3.80
CA PRO B 224 -17.67 -41.90 -4.84
C PRO B 224 -18.54 -41.03 -5.74
N ILE B 225 -19.05 -41.62 -6.81
CA ILE B 225 -20.11 -41.01 -7.58
C ILE B 225 -21.38 -41.17 -6.75
N ILE B 226 -21.88 -40.05 -6.22
CA ILE B 226 -22.96 -40.08 -5.25
C ILE B 226 -24.27 -40.66 -5.81
N SER B 227 -24.44 -40.58 -7.13
CA SER B 227 -25.64 -41.12 -7.78
C SER B 227 -25.74 -42.65 -7.67
N LYS B 228 -24.62 -43.30 -7.38
CA LYS B 228 -24.61 -44.76 -7.23
C LYS B 228 -24.27 -45.18 -5.80
N ASP B 229 -24.14 -44.21 -4.91
CA ASP B 229 -23.93 -44.46 -3.49
C ASP B 229 -24.48 -43.29 -2.68
N ARG B 230 -25.80 -43.20 -2.61
CA ARG B 230 -26.47 -42.06 -1.98
C ARG B 230 -26.26 -42.04 -0.46
N GLU B 231 -25.96 -43.19 0.11
CA GLU B 231 -25.80 -43.30 1.55
C GLU B 231 -24.56 -42.54 2.03
N TYR B 232 -23.64 -42.29 1.12
CA TYR B 232 -22.45 -41.51 1.41
C TYR B 232 -22.84 -40.11 1.88
N VAL B 233 -23.97 -39.62 1.37
CA VAL B 233 -24.50 -38.32 1.77
C VAL B 233 -25.61 -38.49 2.81
N GLU B 234 -26.54 -39.40 2.54
CA GLU B 234 -27.72 -39.58 3.38
C GLU B 234 -27.43 -40.05 4.81
N GLN B 235 -26.21 -40.51 5.05
CA GLN B 235 -25.81 -40.92 6.40
C GLN B 235 -25.74 -39.72 7.35
N PHE B 236 -25.62 -38.53 6.77
CA PHE B 236 -25.57 -37.30 7.55
C PHE B 236 -26.92 -36.59 7.51
N VAL B 237 -27.85 -37.11 6.72
CA VAL B 237 -29.16 -36.49 6.54
C VAL B 237 -30.22 -37.11 7.46
N TYR B 238 -30.32 -38.43 7.42
CA TYR B 238 -31.28 -39.14 8.26
C TYR B 238 -30.57 -39.70 9.49
N LEU B 239 -30.87 -39.13 10.64
CA LEU B 239 -30.24 -39.54 11.90
C LEU B 239 -31.28 -39.97 12.92
N ASP C 2 -0.63 29.42 -27.70
CA ASP C 2 -0.01 28.43 -26.83
C ASP C 2 0.41 29.07 -25.50
N SER C 3 -0.32 28.71 -24.44
CA SER C 3 -0.19 29.38 -23.14
C SER C 3 1.20 29.27 -22.51
N ILE C 4 1.34 29.92 -21.36
CA ILE C 4 2.60 29.91 -20.62
C ILE C 4 2.86 28.51 -20.05
N GLY C 5 1.80 27.85 -19.59
CA GLY C 5 1.91 26.51 -19.04
C GLY C 5 2.37 25.50 -20.06
N ASP C 6 1.86 25.61 -21.28
CA ASP C 6 2.22 24.69 -22.35
C ASP C 6 3.70 24.82 -22.69
N ARG C 7 4.17 26.06 -22.76
CA ARG C 7 5.57 26.34 -23.06
C ARG C 7 6.49 25.78 -21.97
N MET C 8 6.12 26.02 -20.72
CA MET C 8 6.92 25.58 -19.59
C MET C 8 7.00 24.06 -19.49
N LYS C 9 5.90 23.39 -19.83
CA LYS C 9 5.85 21.93 -19.82
C LYS C 9 6.85 21.33 -20.81
N ARG C 10 6.99 21.97 -21.96
CA ARG C 10 7.93 21.47 -22.97
C ARG C 10 9.39 21.66 -22.54
N TYR C 11 9.68 22.77 -21.87
CA TYR C 11 11.04 23.01 -21.38
C TYR C 11 11.42 21.94 -20.36
N GLU C 12 10.46 21.60 -19.49
CA GLU C 12 10.67 20.56 -18.49
C GLU C 12 10.79 19.20 -19.17
N ASN C 13 9.93 18.95 -20.15
CA ASN C 13 9.92 17.68 -20.86
C ASN C 13 11.16 17.42 -21.70
N ALA C 14 11.91 18.47 -22.01
CA ALA C 14 13.17 18.31 -22.74
C ALA C 14 14.16 17.49 -21.94
N TYR C 15 13.95 17.43 -20.63
CA TYR C 15 14.79 16.61 -19.77
C TYR C 15 13.97 15.59 -18.97
N ARG C 16 12.78 15.28 -19.48
CA ARG C 16 11.98 14.18 -18.94
C ARG C 16 12.45 12.86 -19.54
N ILE C 17 13.60 12.40 -19.07
CA ILE C 17 14.25 11.22 -19.61
C ILE C 17 13.70 9.95 -18.96
N LYS C 18 13.43 8.94 -19.79
CA LYS C 18 12.99 7.66 -19.28
C LYS C 18 13.90 6.53 -19.77
N LEU C 19 14.20 5.59 -18.86
CA LEU C 19 14.96 4.41 -19.21
C LEU C 19 14.04 3.46 -19.97
N PRO C 20 14.56 2.80 -21.02
CA PRO C 20 13.73 1.82 -21.73
C PRO C 20 13.31 0.70 -20.79
N GLU C 21 12.11 0.18 -20.97
CA GLU C 21 11.54 -0.77 -20.02
C GLU C 21 11.98 -2.21 -20.26
N ARG C 22 11.58 -3.09 -19.35
CA ARG C 22 11.84 -4.53 -19.44
C ARG C 22 13.32 -4.88 -19.58
N MET C 23 14.15 -4.24 -18.78
CA MET C 23 15.55 -4.61 -18.68
C MET C 23 16.11 -4.19 -17.31
N PRO C 24 17.19 -4.84 -16.87
CA PRO C 24 17.78 -4.52 -15.56
C PRO C 24 18.10 -3.04 -15.38
N VAL C 25 17.77 -2.50 -14.22
CA VAL C 25 18.11 -1.13 -13.87
C VAL C 25 19.04 -1.12 -12.67
N ILE C 26 20.16 -0.41 -12.80
CA ILE C 26 21.09 -0.25 -11.69
C ILE C 26 21.05 1.17 -11.15
N VAL C 27 20.82 1.30 -9.85
CA VAL C 27 20.90 2.60 -9.18
C VAL C 27 22.08 2.60 -8.23
N ARG C 28 23.00 3.54 -8.38
CA ARG C 28 24.06 3.68 -7.40
C ARG C 28 23.94 5.00 -6.63
N ILE C 29 24.03 4.88 -5.30
CA ILE C 29 23.95 6.03 -4.41
C ILE C 29 25.27 6.15 -3.67
N ASP C 30 25.79 7.36 -3.56
CA ASP C 30 27.11 7.57 -2.96
C ASP C 30 27.15 8.80 -2.07
N GLY C 31 27.70 8.63 -0.87
CA GLY C 31 27.80 9.72 0.08
C GLY C 31 28.65 10.87 -0.42
N ALA C 32 28.11 12.08 -0.32
CA ALA C 32 28.83 13.27 -0.76
C ALA C 32 29.82 13.74 0.30
N HIS C 33 31.05 14.01 -0.13
CA HIS C 33 32.10 14.50 0.76
C HIS C 33 32.26 13.62 1.99
N PHE C 34 32.25 12.31 1.80
CA PHE C 34 32.28 11.41 2.95
C PHE C 34 33.67 11.26 3.57
N HIS C 35 34.69 11.82 2.92
CA HIS C 35 36.01 11.87 3.50
C HIS C 35 35.97 12.79 4.71
N THR C 36 35.29 13.91 4.56
CA THR C 36 35.11 14.88 5.64
C THR C 36 34.08 14.38 6.67
N TYR C 37 33.00 13.80 6.18
CA TYR C 37 31.93 13.31 7.05
C TYR C 37 32.41 12.21 7.98
N THR C 38 33.28 11.33 7.48
CA THR C 38 33.75 10.21 8.29
C THR C 38 34.99 10.57 9.11
N LYS C 39 35.37 11.83 9.11
CA LYS C 39 36.37 12.31 10.06
C LYS C 39 35.75 12.24 11.45
N GLY C 40 36.43 11.54 12.35
CA GLY C 40 35.91 11.34 13.70
C GLY C 40 35.40 9.93 13.86
N CYS C 41 35.17 9.26 12.73
CA CYS C 41 34.74 7.86 12.75
C CYS C 41 35.95 6.96 12.97
N ALA C 42 35.69 5.74 13.44
CA ALA C 42 36.74 4.76 13.62
C ALA C 42 37.36 4.38 12.28
N LYS C 43 38.68 4.23 12.27
CA LYS C 43 39.41 3.84 11.07
C LYS C 43 40.10 2.50 11.30
N PRO C 44 40.21 1.68 10.24
CA PRO C 44 39.78 1.95 8.86
C PRO C 44 38.28 1.74 8.66
N PHE C 45 37.66 0.89 9.47
CA PHE C 45 36.24 0.58 9.32
C PHE C 45 35.44 0.85 10.58
N ASP C 46 34.50 1.79 10.49
CA ASP C 46 33.61 2.11 11.60
C ASP C 46 32.39 1.18 11.57
N GLN C 47 32.12 0.53 12.70
CA GLN C 47 31.03 -0.43 12.79
C GLN C 47 29.66 0.25 12.76
N ASP C 48 29.52 1.36 13.47
CA ASP C 48 28.26 2.10 13.50
C ASP C 48 27.90 2.66 12.13
N LEU C 49 28.92 3.14 11.41
CA LEU C 49 28.72 3.70 10.09
C LEU C 49 28.22 2.65 9.12
N ALA C 50 28.86 1.48 9.15
CA ALA C 50 28.51 0.39 8.25
C ALA C 50 27.10 -0.13 8.50
N GLU C 51 26.76 -0.29 9.78
CA GLU C 51 25.43 -0.78 10.14
C GLU C 51 24.36 0.25 9.83
N ALA C 52 24.75 1.52 9.81
CA ALA C 52 23.85 2.59 9.40
C ALA C 52 23.58 2.49 7.90
N PHE C 53 24.61 2.13 7.14
CA PHE C 53 24.46 1.91 5.71
C PHE C 53 23.59 0.69 5.44
N TRP C 54 23.77 -0.34 6.25
CA TRP C 54 23.03 -1.59 6.07
C TRP C 54 21.55 -1.42 6.35
N GLU C 55 21.22 -0.59 7.34
CA GLU C 55 19.82 -0.25 7.61
C GLU C 55 19.24 0.54 6.45
N THR C 56 20.06 1.44 5.88
CA THR C 56 19.61 2.25 4.76
C THR C 56 19.37 1.36 3.54
N CYS C 57 20.26 0.40 3.32
CA CYS C 57 20.11 -0.57 2.24
C CYS C 57 18.80 -1.35 2.37
N LYS C 58 18.44 -1.68 3.60
CA LYS C 58 17.18 -2.39 3.86
C LYS C 58 15.98 -1.49 3.54
N TYR C 59 16.04 -0.26 4.01
CA TYR C 59 14.98 0.73 3.78
C TYR C 59 14.75 0.94 2.29
N LEU C 60 15.84 1.02 1.53
CA LEU C 60 15.75 1.19 0.08
C LEU C 60 15.10 -0.01 -0.58
N ALA C 61 15.58 -1.21 -0.24
CA ALA C 61 15.06 -2.44 -0.82
C ALA C 61 13.58 -2.64 -0.51
N GLN C 62 13.16 -2.19 0.68
CA GLN C 62 11.76 -2.32 1.09
C GLN C 62 10.84 -1.42 0.31
N ASN C 63 11.33 -0.25 -0.09
CA ASN C 63 10.47 0.78 -0.68
C ASN C 63 10.64 1.01 -2.19
N ILE C 64 11.54 0.26 -2.81
CA ILE C 64 11.77 0.43 -4.24
C ILE C 64 11.12 -0.68 -5.06
N MET C 65 10.17 -0.29 -5.90
CA MET C 65 9.46 -1.22 -6.77
C MET C 65 10.42 -1.95 -7.69
N GLY C 66 10.44 -3.28 -7.59
CA GLY C 66 11.28 -4.10 -8.44
C GLY C 66 12.65 -4.44 -7.87
N ALA C 67 12.95 -3.90 -6.70
CA ALA C 67 14.26 -4.13 -6.08
C ALA C 67 14.51 -5.60 -5.77
N LYS C 68 15.69 -6.09 -6.14
CA LYS C 68 16.02 -7.51 -5.97
C LYS C 68 17.29 -7.73 -5.15
N LEU C 69 18.23 -6.79 -5.24
CA LEU C 69 19.51 -6.95 -4.57
C LEU C 69 20.14 -5.58 -4.33
N VAL C 70 20.63 -5.39 -3.11
CA VAL C 70 21.36 -4.18 -2.77
C VAL C 70 22.77 -4.58 -2.40
N TYR C 71 23.75 -3.80 -2.82
CA TYR C 71 25.15 -4.06 -2.50
C TYR C 71 25.79 -2.84 -1.86
N HIS C 72 26.47 -3.04 -0.74
CA HIS C 72 27.12 -1.93 -0.05
C HIS C 72 28.61 -2.13 0.13
N GLN C 73 29.35 -1.04 0.04
CA GLN C 73 30.77 -1.02 0.32
C GLN C 73 31.22 0.43 0.43
N SER C 74 32.08 0.70 1.42
CA SER C 74 32.55 2.07 1.68
C SER C 74 31.33 2.97 1.88
N ASP C 75 31.22 4.02 1.06
CA ASP C 75 30.09 4.92 1.16
C ASP C 75 29.15 4.86 -0.04
N GLU C 76 29.11 3.70 -0.71
CA GLU C 76 28.26 3.56 -1.90
C GLU C 76 27.23 2.45 -1.78
N ILE C 77 26.08 2.66 -2.40
CA ILE C 77 24.99 1.69 -2.40
C ILE C 77 24.47 1.42 -3.82
N SER C 78 24.66 0.20 -4.30
CA SER C 78 24.15 -0.19 -5.61
C SER C 78 22.89 -1.03 -5.48
N ILE C 79 21.85 -0.65 -6.24
CA ILE C 79 20.58 -1.38 -6.18
C ILE C 79 20.20 -1.97 -7.53
N LEU C 80 19.92 -3.27 -7.53
CA LEU C 80 19.40 -3.94 -8.73
C LEU C 80 17.88 -3.91 -8.74
N ILE C 81 17.33 -3.39 -9.82
CA ILE C 81 15.88 -3.32 -9.98
C ILE C 81 15.50 -4.03 -11.27
N THR C 82 14.45 -4.86 -11.22
CA THR C 82 13.93 -5.49 -12.42
C THR C 82 12.47 -5.13 -12.61
N ASN C 83 12.02 -5.12 -13.86
CA ASN C 83 10.65 -4.75 -14.18
C ASN C 83 10.06 -5.66 -15.25
N TYR C 84 10.59 -6.87 -15.36
CA TYR C 84 10.15 -7.82 -16.36
C TYR C 84 9.79 -9.18 -15.74
N ASP C 85 9.40 -9.15 -14.48
CA ASP C 85 9.02 -10.37 -13.75
C ASP C 85 7.80 -11.01 -14.40
N LYS C 86 6.84 -10.18 -14.79
CA LYS C 86 5.65 -10.63 -15.49
C LYS C 86 5.43 -9.77 -16.73
N LEU C 87 4.44 -10.12 -17.52
CA LEU C 87 4.09 -9.35 -18.71
C LEU C 87 3.38 -8.05 -18.30
N THR C 88 2.92 -8.00 -17.06
CA THR C 88 2.14 -6.86 -16.57
C THR C 88 2.91 -6.01 -15.55
N THR C 89 4.19 -6.33 -15.37
CA THR C 89 5.02 -5.63 -14.38
C THR C 89 5.24 -4.16 -14.75
N GLN C 90 4.98 -3.28 -13.79
CA GLN C 90 5.20 -1.84 -13.97
C GLN C 90 6.59 -1.44 -13.52
N SER C 91 7.02 -0.24 -13.90
CA SER C 91 8.32 0.27 -13.48
C SER C 91 8.17 1.33 -12.40
N TRP C 92 9.10 1.35 -11.45
CA TRP C 92 9.16 2.38 -10.43
C TRP C 92 9.22 3.75 -11.09
N PHE C 93 8.21 4.57 -10.82
CA PHE C 93 8.11 5.92 -11.40
C PHE C 93 8.08 5.91 -12.94
N GLU C 94 7.56 4.82 -13.50
CA GLU C 94 7.49 4.66 -14.96
C GLU C 94 8.86 4.80 -15.59
N ASN C 95 9.88 4.39 -14.86
CA ASN C 95 11.28 4.42 -15.33
C ASN C 95 11.82 5.82 -15.61
N ASN C 96 11.20 6.83 -15.02
CA ASN C 96 11.71 8.20 -15.08
C ASN C 96 13.10 8.29 -14.45
N LEU C 97 14.09 8.68 -15.25
CA LEU C 97 15.48 8.72 -14.82
C LEU C 97 15.74 9.67 -13.64
N GLN C 98 15.29 10.91 -13.76
CA GLN C 98 15.57 11.91 -12.73
C GLN C 98 14.81 11.60 -11.44
N LYS C 99 13.63 10.99 -11.57
CA LYS C 99 12.83 10.69 -10.40
C LYS C 99 13.42 9.50 -9.65
N ILE C 100 13.82 8.47 -10.38
CA ILE C 100 14.44 7.30 -9.78
C ILE C 100 15.75 7.64 -9.07
N ALA C 101 16.57 8.46 -9.71
CA ALA C 101 17.86 8.83 -9.14
C ALA C 101 17.73 9.70 -7.90
N SER C 102 16.78 10.62 -7.91
CA SER C 102 16.65 11.59 -6.85
C SER C 102 15.92 11.03 -5.63
N VAL C 103 14.84 10.29 -5.87
CA VAL C 103 14.09 9.66 -4.78
C VAL C 103 14.95 8.60 -4.08
N SER C 104 15.75 7.88 -4.85
CA SER C 104 16.70 6.94 -4.28
C SER C 104 17.63 7.64 -3.30
N ALA C 105 18.24 8.73 -3.77
CA ALA C 105 19.14 9.51 -2.94
C ALA C 105 18.42 10.11 -1.74
N SER C 106 17.15 10.48 -1.93
CA SER C 106 16.34 11.06 -0.87
C SER C 106 16.00 10.04 0.20
N MET C 107 15.55 8.86 -0.24
CA MET C 107 15.29 7.75 0.67
C MET C 107 16.54 7.44 1.46
N ALA C 108 17.67 7.36 0.77
CA ALA C 108 18.96 7.10 1.41
C ALA C 108 19.25 8.17 2.45
N THR C 109 19.06 9.43 2.08
CA THR C 109 19.36 10.56 2.95
C THR C 109 18.54 10.55 4.23
N ALA C 110 17.23 10.33 4.09
CA ALA C 110 16.31 10.36 5.22
C ALA C 110 16.64 9.28 6.25
N LYS C 111 16.75 8.05 5.78
CA LYS C 111 17.00 6.92 6.67
C LYS C 111 18.38 6.99 7.30
N PHE C 112 19.40 7.26 6.49
CA PHE C 112 20.78 7.29 6.98
C PHE C 112 20.98 8.34 8.08
N ASN C 113 20.43 9.53 7.89
CA ASN C 113 20.55 10.59 8.90
C ASN C 113 19.81 10.25 10.18
N GLU C 114 18.66 9.59 10.06
CA GLU C 114 17.86 9.22 11.22
C GLU C 114 18.58 8.19 12.08
N VAL C 115 19.12 7.15 11.44
CA VAL C 115 19.86 6.12 12.14
C VAL C 115 21.10 6.69 12.79
N MET C 116 21.81 7.53 12.05
CA MET C 116 23.09 8.09 12.52
C MET C 116 22.90 9.07 13.69
N ARG C 117 21.80 9.79 13.70
CA ARG C 117 21.52 10.78 14.72
C ARG C 117 21.44 10.15 16.10
N GLU C 118 21.01 8.90 16.13
CA GLU C 118 20.76 8.21 17.41
C GLU C 118 21.99 8.23 18.29
N LYS C 119 23.07 7.60 17.84
CA LYS C 119 24.31 7.54 18.60
C LYS C 119 25.11 8.83 18.46
N TYR C 120 24.92 9.53 17.33
CA TYR C 120 25.71 10.72 17.04
C TYR C 120 24.81 11.91 16.68
N PRO C 121 24.20 12.54 17.68
CA PRO C 121 23.25 13.64 17.44
C PRO C 121 23.94 14.93 17.02
N ASP C 122 25.25 15.01 17.19
CA ASP C 122 25.98 16.23 16.84
C ASP C 122 26.68 16.08 15.49
N LYS C 123 26.47 14.95 14.85
CA LYS C 123 27.04 14.69 13.53
C LYS C 123 26.33 15.59 12.51
N PRO C 124 27.10 16.25 11.64
CA PRO C 124 26.51 17.12 10.62
C PRO C 124 25.63 16.33 9.65
N LEU C 125 24.74 17.02 8.94
CA LEU C 125 23.84 16.37 7.99
C LEU C 125 24.61 15.64 6.90
N ALA C 126 24.21 14.41 6.63
CA ALA C 126 24.82 13.62 5.56
C ALA C 126 23.98 13.72 4.30
N THR C 127 24.65 13.79 3.14
CA THR C 127 23.96 13.86 1.87
C THR C 127 24.50 12.83 0.87
N PHE C 128 23.69 12.53 -0.14
CA PHE C 128 24.06 11.50 -1.12
C PHE C 128 23.71 11.97 -2.53
N ASP C 129 24.40 11.44 -3.52
CA ASP C 129 23.99 11.61 -4.90
C ASP C 129 23.40 10.29 -5.38
N GLY C 130 22.70 10.32 -6.50
CA GLY C 130 22.12 9.12 -7.07
C GLY C 130 22.24 9.13 -8.58
N ARG C 131 22.49 7.95 -9.15
CA ARG C 131 22.53 7.82 -10.60
C ARG C 131 21.93 6.49 -11.01
N ALA C 132 21.20 6.49 -12.12
CA ALA C 132 20.55 5.29 -12.61
C ALA C 132 20.95 4.98 -14.06
N GLN C 133 20.75 3.74 -14.47
CA GLN C 133 21.14 3.30 -15.80
C GLN C 133 20.48 1.96 -16.07
N VAL C 134 20.63 1.47 -17.29
CA VAL C 134 20.21 0.12 -17.59
C VAL C 134 21.42 -0.75 -17.88
N LEU C 135 21.23 -2.05 -17.77
CA LEU C 135 22.26 -3.01 -18.15
C LEU C 135 21.60 -4.15 -18.89
N PRO C 136 22.31 -4.73 -19.86
CA PRO C 136 21.79 -5.97 -20.45
C PRO C 136 21.89 -7.10 -19.42
N GLN C 137 21.11 -8.14 -19.59
CA GLN C 137 21.05 -9.24 -18.63
C GLN C 137 22.41 -9.89 -18.36
N ASP C 138 23.23 -10.05 -19.40
CA ASP C 138 24.51 -10.73 -19.24
C ASP C 138 25.62 -9.84 -18.70
N GLU C 139 25.27 -8.66 -18.20
CA GLU C 139 26.26 -7.76 -17.63
C GLU C 139 25.98 -7.41 -16.18
N VAL C 140 24.82 -7.85 -15.67
CA VAL C 140 24.42 -7.52 -14.31
C VAL C 140 25.39 -8.08 -13.27
N ALA C 141 25.70 -9.37 -13.41
CA ALA C 141 26.67 -10.01 -12.52
C ALA C 141 28.02 -9.30 -12.63
N ASN C 142 28.43 -9.03 -13.86
CA ASN C 142 29.69 -8.32 -14.10
C ASN C 142 29.76 -6.96 -13.40
N TYR C 143 28.60 -6.30 -13.27
CA TYR C 143 28.56 -5.01 -12.60
C TYR C 143 28.95 -5.15 -11.13
N PHE C 144 28.37 -6.14 -10.48
CA PHE C 144 28.65 -6.39 -9.07
C PHE C 144 30.06 -6.93 -8.84
N ILE C 145 30.56 -7.69 -9.81
CA ILE C 145 31.94 -8.15 -9.77
C ILE C 145 32.87 -6.93 -9.82
N TRP C 146 32.51 -5.99 -10.68
CA TRP C 146 33.25 -4.75 -10.84
C TRP C 146 33.23 -3.92 -9.55
N ARG C 147 32.06 -3.84 -8.92
CA ARG C 147 31.93 -3.11 -7.66
C ARG C 147 32.71 -3.78 -6.53
N GLN C 148 32.73 -5.11 -6.55
CA GLN C 148 33.47 -5.89 -5.55
C GLN C 148 34.97 -5.69 -5.68
N GLN C 149 35.45 -5.54 -6.90
CA GLN C 149 36.88 -5.33 -7.13
C GLN C 149 37.32 -3.96 -6.63
N ASP C 150 36.48 -2.96 -6.87
CA ASP C 150 36.71 -1.62 -6.35
C ASP C 150 36.64 -1.64 -4.82
N ALA C 151 35.80 -2.54 -4.30
CA ALA C 151 35.64 -2.73 -2.86
C ALA C 151 36.94 -3.21 -2.22
N SER C 152 37.53 -4.26 -2.81
CA SER C 152 38.77 -4.83 -2.29
C SER C 152 39.94 -3.86 -2.42
N LYS C 153 39.99 -3.14 -3.54
CA LYS C 153 41.04 -2.16 -3.76
C LYS C 153 40.97 -1.05 -2.73
N ASN C 154 39.77 -0.51 -2.52
CA ASN C 154 39.57 0.53 -1.52
C ASN C 154 39.83 0.02 -0.10
N SER C 155 39.43 -1.23 0.14
CA SER C 155 39.62 -1.86 1.45
C SER C 155 41.09 -1.89 1.85
N ILE C 156 41.91 -2.51 1.01
CA ILE C 156 43.35 -2.61 1.24
C ILE C 156 43.96 -1.22 1.47
N SER C 157 43.56 -0.27 0.65
CA SER C 157 44.06 1.10 0.77
C SER C 157 43.60 1.75 2.08
N MET C 158 42.37 1.47 2.49
CA MET C 158 41.83 2.04 3.72
C MET C 158 42.59 1.55 4.95
N VAL C 159 42.90 0.25 4.98
CA VAL C 159 43.62 -0.34 6.09
C VAL C 159 45.05 0.19 6.15
N ALA C 160 45.65 0.40 4.98
CA ALA C 160 47.01 0.91 4.90
C ALA C 160 47.10 2.35 5.42
N GLN C 161 46.12 3.17 5.09
CA GLN C 161 46.11 4.57 5.50
C GLN C 161 45.79 4.73 6.98
N ALA C 162 45.37 3.63 7.61
CA ALA C 162 45.11 3.64 9.05
C ALA C 162 46.29 3.07 9.81
N ASN C 163 47.29 2.59 9.08
CA ASN C 163 48.48 2.00 9.69
C ASN C 163 49.78 2.62 9.18
N PHE C 164 49.66 3.64 8.34
CA PHE C 164 50.83 4.32 7.80
C PHE C 164 50.58 5.80 7.57
N PRO C 165 51.65 6.59 7.47
CA PRO C 165 51.62 8.04 7.27
C PRO C 165 51.12 8.42 5.87
N ASN C 173 51.43 -0.09 -4.61
CA ASN C 173 50.43 -0.79 -5.42
C ASN C 173 49.42 -1.55 -4.57
N GLY C 174 48.77 -2.54 -5.17
CA GLY C 174 47.76 -3.34 -4.48
C GLY C 174 48.37 -4.39 -3.59
N LYS C 175 49.07 -5.34 -4.18
CA LYS C 175 49.73 -6.41 -3.43
C LYS C 175 50.87 -5.85 -2.60
N ASP C 176 51.41 -4.71 -3.03
CA ASP C 176 52.48 -4.04 -2.31
C ASP C 176 51.98 -3.54 -0.95
N MET C 177 50.82 -2.91 -0.95
CA MET C 177 50.23 -2.41 0.29
C MET C 177 49.74 -3.54 1.18
N GLN C 178 49.41 -4.68 0.58
CA GLN C 178 48.92 -5.82 1.34
C GLN C 178 50.07 -6.56 2.03
N ASP C 179 51.18 -6.71 1.32
CA ASP C 179 52.36 -7.36 1.87
C ASP C 179 53.04 -6.48 2.93
N LYS C 180 53.01 -5.17 2.72
CA LYS C 180 53.57 -4.22 3.68
C LYS C 180 52.75 -4.24 4.96
N LEU C 181 51.47 -4.59 4.84
CA LEU C 181 50.59 -4.70 6.00
C LEU C 181 50.88 -5.97 6.79
N MET C 182 51.49 -6.94 6.13
CA MET C 182 51.77 -8.23 6.75
C MET C 182 53.20 -8.32 7.28
N THR C 183 54.16 -7.94 6.46
CA THR C 183 55.57 -8.11 6.80
C THR C 183 56.09 -7.02 7.73
N GLU C 184 55.41 -5.87 7.77
CA GLU C 184 55.90 -4.74 8.53
C GLU C 184 55.09 -4.46 9.81
N LYS C 185 53.77 -4.42 9.69
CA LYS C 185 52.92 -4.13 10.82
C LYS C 185 52.19 -5.38 11.34
N ASN C 186 52.47 -6.51 10.69
CA ASN C 186 51.86 -7.79 11.06
C ASN C 186 50.34 -7.75 11.09
N ILE C 187 49.72 -7.61 9.93
CA ILE C 187 48.27 -7.58 9.81
C ILE C 187 47.83 -8.21 8.50
N ASN C 188 47.25 -9.40 8.58
CA ASN C 188 46.78 -10.10 7.38
C ASN C 188 45.40 -9.61 6.96
N TRP C 189 45.33 -8.99 5.79
CA TRP C 189 44.09 -8.42 5.28
C TRP C 189 43.00 -9.48 5.07
N ASN C 190 43.41 -10.68 4.69
CA ASN C 190 42.47 -11.75 4.38
C ASN C 190 41.74 -12.31 5.60
N ASP C 191 42.17 -11.91 6.79
CA ASP C 191 41.53 -12.39 8.01
C ASP C 191 40.38 -11.50 8.45
N LEU C 192 40.33 -10.29 7.88
CA LEU C 192 39.25 -9.34 8.16
C LEU C 192 37.91 -9.92 7.75
N PRO C 193 36.81 -9.40 8.32
CA PRO C 193 35.49 -9.87 7.90
C PRO C 193 35.19 -9.54 6.44
N VAL C 194 34.34 -10.35 5.81
CA VAL C 194 34.04 -10.21 4.39
C VAL C 194 33.57 -8.79 4.00
N TRP C 195 32.72 -8.20 4.83
CA TRP C 195 32.16 -6.90 4.52
C TRP C 195 33.22 -5.79 4.48
N GLN C 196 34.32 -5.99 5.20
CA GLN C 196 35.42 -5.04 5.18
C GLN C 196 36.33 -5.31 3.99
N LYS C 197 36.27 -6.54 3.49
CA LYS C 197 37.12 -6.95 2.39
C LYS C 197 36.53 -6.57 1.04
N ARG C 198 35.28 -6.97 0.82
CA ARG C 198 34.66 -6.82 -0.49
C ARG C 198 33.18 -6.43 -0.38
N GLY C 199 32.81 -5.82 0.73
CA GLY C 199 31.44 -5.39 0.94
C GLY C 199 30.47 -6.56 1.06
N ILE C 200 29.20 -6.25 1.28
CA ILE C 200 28.18 -7.28 1.39
C ILE C 200 26.90 -6.89 0.68
N CYS C 201 26.05 -7.88 0.42
CA CYS C 201 24.75 -7.61 -0.18
C CYS C 201 23.64 -7.65 0.85
N ILE C 202 22.52 -7.00 0.52
CA ILE C 202 21.29 -7.14 1.27
C ILE C 202 20.25 -7.77 0.37
N ILE C 203 19.76 -8.94 0.73
CA ILE C 203 18.76 -9.63 -0.09
C ILE C 203 17.57 -10.11 0.72
N LYS C 204 16.50 -10.45 0.02
CA LYS C 204 15.27 -10.90 0.65
C LYS C 204 15.43 -12.36 1.05
N GLU C 205 15.16 -12.67 2.32
CA GLU C 205 15.20 -14.05 2.77
C GLU C 205 13.88 -14.46 3.40
N PHE C 206 13.39 -15.62 2.99
CA PHE C 206 12.21 -16.19 3.59
C PHE C 206 12.61 -17.11 4.74
N TYR C 207 11.76 -17.20 5.74
CA TYR C 207 12.06 -17.99 6.94
C TYR C 207 10.77 -18.32 7.69
N GLU C 208 10.85 -19.24 8.64
CA GLU C 208 9.66 -19.67 9.36
C GLU C 208 9.55 -19.09 10.77
N LYS C 209 8.31 -18.81 11.16
CA LYS C 209 7.99 -18.40 12.52
C LYS C 209 6.60 -18.94 12.84
N ASN C 210 6.56 -20.04 13.58
CA ASN C 210 5.31 -20.71 13.93
C ASN C 210 4.50 -21.13 12.71
N LEU C 213 5.37 -18.66 7.68
CA LEU C 213 6.19 -18.15 6.60
C LEU C 213 6.27 -16.64 6.60
N ARG C 214 7.48 -16.11 6.64
CA ARG C 214 7.70 -14.66 6.62
C ARG C 214 8.86 -14.29 5.71
N SER C 215 9.06 -12.99 5.52
CA SER C 215 10.16 -12.51 4.71
C SER C 215 10.74 -11.23 5.30
N ARG C 216 12.00 -10.97 5.01
CA ARG C 216 12.68 -9.78 5.50
C ARG C 216 13.90 -9.50 4.64
N TRP C 217 14.32 -8.24 4.60
CA TRP C 217 15.59 -7.89 3.97
C TRP C 217 16.68 -7.93 5.04
N SER C 218 17.67 -8.78 4.83
CA SER C 218 18.72 -8.94 5.82
C SER C 218 20.10 -8.89 5.18
N VAL C 219 21.10 -8.54 6.00
CA VAL C 219 22.48 -8.51 5.57
C VAL C 219 23.03 -9.92 5.41
N ASP C 220 23.63 -10.21 4.26
CA ASP C 220 24.29 -11.50 4.06
C ASP C 220 25.78 -11.35 4.26
N HIS C 221 26.26 -11.61 5.47
CA HIS C 221 27.67 -11.47 5.80
C HIS C 221 28.53 -12.56 5.16
N GLU C 222 27.87 -13.54 4.54
CA GLU C 222 28.58 -14.58 3.81
C GLU C 222 28.43 -14.37 2.31
N THR C 223 28.25 -13.11 1.91
CA THR C 223 28.14 -12.74 0.50
C THR C 223 29.39 -13.22 -0.25
N PRO C 224 29.18 -14.05 -1.28
CA PRO C 224 30.30 -14.68 -1.98
C PRO C 224 31.00 -13.72 -2.93
N ILE C 225 32.17 -14.12 -3.41
CA ILE C 225 32.83 -13.41 -4.48
C ILE C 225 32.08 -13.73 -5.76
N ILE C 226 31.35 -12.74 -6.27
CA ILE C 226 30.43 -12.94 -7.39
C ILE C 226 31.07 -13.61 -8.60
N SER C 227 32.35 -13.32 -8.84
CA SER C 227 33.07 -13.92 -9.96
C SER C 227 33.18 -15.44 -9.84
N LYS C 228 33.06 -15.95 -8.62
CA LYS C 228 33.13 -17.39 -8.38
C LYS C 228 31.74 -18.00 -8.25
N ASP C 229 30.75 -17.16 -8.05
CA ASP C 229 29.36 -17.61 -7.88
C ASP C 229 28.40 -16.62 -8.55
N ARG C 230 28.43 -16.60 -9.87
CA ARG C 230 27.64 -15.64 -10.65
C ARG C 230 26.13 -15.77 -10.42
N GLU C 231 25.67 -16.98 -10.16
CA GLU C 231 24.25 -17.25 -9.96
C GLU C 231 23.67 -16.53 -8.75
N TYR C 232 24.54 -16.13 -7.82
CA TYR C 232 24.12 -15.36 -6.65
C TYR C 232 23.39 -14.09 -7.07
N VAL C 233 23.86 -13.47 -8.15
CA VAL C 233 23.22 -12.28 -8.69
C VAL C 233 22.21 -12.67 -9.78
N GLU C 234 22.63 -13.57 -10.66
CA GLU C 234 21.83 -13.92 -11.84
C GLU C 234 20.51 -14.62 -11.51
N GLN C 235 20.36 -15.07 -10.27
CA GLN C 235 19.09 -15.65 -9.82
C GLN C 235 18.00 -14.58 -9.84
N PHE C 236 18.40 -13.31 -9.78
CA PHE C 236 17.46 -12.20 -9.81
C PHE C 236 17.33 -11.60 -11.20
N VAL C 237 18.20 -12.03 -12.11
CA VAL C 237 18.23 -11.48 -13.46
C VAL C 237 17.42 -12.30 -14.45
N TYR C 238 17.69 -13.59 -14.49
CA TYR C 238 16.94 -14.49 -15.37
C TYR C 238 15.80 -15.15 -14.60
N LEU C 239 14.57 -14.82 -14.99
CA LEU C 239 13.39 -15.28 -14.27
C LEU C 239 12.56 -16.22 -15.12
N SER D 3 38.17 -4.66 -21.18
CA SER D 3 38.20 -4.60 -19.72
C SER D 3 36.80 -4.44 -19.14
N ILE D 4 36.55 -5.12 -18.03
CA ILE D 4 35.24 -5.08 -17.39
C ILE D 4 34.89 -3.67 -16.90
N GLY D 5 35.90 -2.95 -16.41
CA GLY D 5 35.69 -1.60 -15.94
C GLY D 5 35.45 -0.61 -17.07
N ASP D 6 36.08 -0.87 -18.22
CA ASP D 6 35.89 -0.04 -19.39
C ASP D 6 34.47 -0.19 -19.93
N ARG D 7 33.99 -1.42 -20.00
CA ARG D 7 32.63 -1.68 -20.45
C ARG D 7 31.60 -1.03 -19.52
N MET D 8 31.79 -1.21 -18.22
CA MET D 8 30.86 -0.68 -17.22
C MET D 8 30.78 0.84 -17.23
N LYS D 9 31.91 1.50 -17.44
CA LYS D 9 31.93 2.96 -17.55
C LYS D 9 31.06 3.44 -18.71
N ARG D 10 31.15 2.76 -19.85
CA ARG D 10 30.34 3.10 -21.02
C ARG D 10 28.85 2.95 -20.76
N TYR D 11 28.47 1.88 -20.05
CA TYR D 11 27.07 1.67 -19.70
C TYR D 11 26.58 2.81 -18.82
N GLU D 12 27.43 3.27 -17.92
CA GLU D 12 27.09 4.35 -17.02
C GLU D 12 27.04 5.67 -17.79
N ASN D 13 28.00 5.86 -18.70
CA ASN D 13 28.06 7.07 -19.48
C ASN D 13 26.86 7.25 -20.41
N ALA D 14 26.19 6.15 -20.75
CA ALA D 14 25.02 6.22 -21.61
C ALA D 14 23.93 7.11 -21.02
N TYR D 15 23.95 7.28 -19.70
CA TYR D 15 22.99 8.16 -19.05
C TYR D 15 23.66 9.23 -18.21
N ARG D 16 24.91 9.53 -18.55
CA ARG D 16 25.61 10.64 -17.94
C ARG D 16 25.25 11.93 -18.68
N ILE D 17 24.03 12.40 -18.47
CA ILE D 17 23.56 13.59 -19.15
C ILE D 17 24.13 14.85 -18.50
N LYS D 18 24.60 15.76 -19.33
CA LYS D 18 25.01 17.08 -18.86
C LYS D 18 24.16 18.16 -19.52
N LEU D 19 23.75 19.14 -18.74
CA LEU D 19 23.02 20.28 -19.28
C LEU D 19 23.99 21.19 -20.00
N PRO D 20 23.58 21.73 -21.16
CA PRO D 20 24.42 22.72 -21.84
C PRO D 20 24.71 23.89 -20.91
N GLU D 21 25.95 24.38 -20.92
CA GLU D 21 26.40 25.40 -20.00
C GLU D 21 25.97 26.82 -20.40
N ARG D 22 26.35 27.78 -19.57
CA ARG D 22 26.07 29.20 -19.80
C ARG D 22 24.62 29.53 -20.14
N MET D 23 23.70 28.93 -19.39
CA MET D 23 22.30 29.30 -19.48
C MET D 23 21.59 28.98 -18.16
N PRO D 24 20.50 29.70 -17.87
CA PRO D 24 19.77 29.49 -16.61
C PRO D 24 19.38 28.03 -16.41
N VAL D 25 19.55 27.56 -15.19
CA VAL D 25 19.16 26.22 -14.81
C VAL D 25 18.09 26.32 -13.74
N ILE D 26 17.00 25.58 -13.91
CA ILE D 26 15.97 25.50 -12.90
C ILE D 26 15.96 24.10 -12.32
N VAL D 27 16.02 24.01 -11.00
CA VAL D 27 15.86 22.75 -10.30
C VAL D 27 14.57 22.80 -9.48
N ARG D 28 13.67 21.86 -9.72
CA ARG D 28 12.49 21.77 -8.86
C ARG D 28 12.52 20.55 -7.95
N ILE D 29 12.23 20.80 -6.68
CA ILE D 29 12.18 19.75 -5.66
C ILE D 29 10.76 19.68 -5.14
N ASP D 30 10.20 18.47 -5.10
CA ASP D 30 8.83 18.30 -4.64
C ASP D 30 8.70 17.17 -3.62
N GLY D 31 7.88 17.39 -2.61
CA GLY D 31 7.65 16.40 -1.56
C GLY D 31 6.90 15.19 -2.08
N ALA D 32 7.45 14.01 -1.83
CA ALA D 32 6.83 12.76 -2.27
C ALA D 32 5.64 12.39 -1.40
N HIS D 33 4.50 12.16 -2.04
CA HIS D 33 3.22 11.89 -1.38
C HIS D 33 3.02 12.68 -0.07
N PHE D 34 2.95 13.99 -0.20
CA PHE D 34 2.76 14.86 0.96
C PHE D 34 1.28 15.01 1.31
N HIS D 35 0.42 14.32 0.56
CA HIS D 35 -0.98 14.22 0.94
C HIS D 35 -1.08 13.34 2.17
N THR D 36 -0.22 12.32 2.22
CA THR D 36 -0.14 11.43 3.37
C THR D 36 0.68 12.10 4.48
N TYR D 37 1.79 12.72 4.10
CA TYR D 37 2.71 13.31 5.06
C TYR D 37 2.08 14.43 5.88
N THR D 38 1.27 15.27 5.23
CA THR D 38 0.68 16.43 5.90
C THR D 38 -0.64 16.11 6.60
N LYS D 39 -0.93 14.82 6.77
CA LYS D 39 -2.09 14.41 7.55
C LYS D 39 -1.77 14.60 9.03
N GLY D 40 -2.41 15.59 9.65
CA GLY D 40 -2.11 15.95 11.02
C GLY D 40 -1.67 17.40 11.10
N CYS D 41 -1.63 18.05 9.93
CA CYS D 41 -1.25 19.45 9.85
C CYS D 41 -2.48 20.33 9.69
N ALA D 42 -2.34 21.61 10.00
CA ALA D 42 -3.45 22.56 9.93
C ALA D 42 -3.90 22.82 8.50
N LYS D 43 -5.20 22.74 8.27
CA LYS D 43 -5.78 23.03 6.96
C LYS D 43 -6.48 24.39 7.00
N PRO D 44 -6.43 25.14 5.88
CA PRO D 44 -5.76 24.77 4.64
C PRO D 44 -4.26 25.06 4.64
N PHE D 45 -3.80 25.81 5.64
CA PHE D 45 -2.39 26.21 5.70
C PHE D 45 -1.75 25.92 7.06
N ASP D 46 -0.51 25.42 7.04
CA ASP D 46 0.22 25.11 8.25
C ASP D 46 1.49 25.95 8.32
N GLN D 47 1.56 26.81 9.33
CA GLN D 47 2.68 27.73 9.50
C GLN D 47 3.99 26.98 9.78
N ASP D 48 3.92 25.95 10.62
CA ASP D 48 5.08 25.14 10.97
C ASP D 48 5.71 24.48 9.74
N LEU D 49 4.86 23.84 8.95
CA LEU D 49 5.30 23.16 7.73
C LEU D 49 5.94 24.15 6.76
N ALA D 50 5.30 25.29 6.58
CA ALA D 50 5.80 26.33 5.68
C ALA D 50 7.18 26.82 6.10
N GLU D 51 7.35 27.09 7.39
CA GLU D 51 8.62 27.58 7.92
C GLU D 51 9.72 26.52 7.81
N ALA D 52 9.33 25.26 7.88
CA ALA D 52 10.26 24.16 7.67
C ALA D 52 10.74 24.14 6.21
N PHE D 53 9.83 24.45 5.29
CA PHE D 53 10.21 24.56 3.88
C PHE D 53 11.10 25.76 3.67
N TRP D 54 10.79 26.85 4.38
CA TRP D 54 11.55 28.09 4.25
C TRP D 54 13.00 27.91 4.71
N GLU D 55 13.19 27.19 5.80
CA GLU D 55 14.53 26.88 6.28
C GLU D 55 15.26 25.97 5.28
N THR D 56 14.51 25.03 4.69
CA THR D 56 15.08 24.11 3.72
C THR D 56 15.55 24.87 2.48
N CYS D 57 14.74 25.81 2.02
CA CYS D 57 15.10 26.66 0.89
C CYS D 57 16.40 27.41 1.14
N LYS D 58 16.56 27.93 2.36
CA LYS D 58 17.76 28.66 2.74
C LYS D 58 18.98 27.75 2.67
N TYR D 59 18.81 26.53 3.18
CA TYR D 59 19.89 25.54 3.20
C TYR D 59 20.32 25.17 1.79
N LEU D 60 19.35 25.08 0.88
CA LEU D 60 19.65 24.74 -0.51
C LEU D 60 20.44 25.87 -1.16
N ALA D 61 20.01 27.10 -0.92
CA ALA D 61 20.65 28.27 -1.54
C ALA D 61 22.07 28.45 -1.05
N GLN D 62 22.32 28.09 0.19
CA GLN D 62 23.65 28.24 0.79
C GLN D 62 24.66 27.27 0.20
N ASN D 63 24.18 26.15 -0.31
CA ASN D 63 25.08 25.06 -0.70
C ASN D 63 25.09 24.72 -2.18
N ILE D 64 24.31 25.45 -2.97
CA ILE D 64 24.26 25.18 -4.40
C ILE D 64 25.02 26.24 -5.19
N MET D 65 26.08 25.82 -5.86
CA MET D 65 26.92 26.71 -6.66
C MET D 65 26.09 27.39 -7.74
N GLY D 66 26.02 28.72 -7.68
CA GLY D 66 25.32 29.49 -8.69
C GLY D 66 23.87 29.81 -8.36
N ALA D 67 23.41 29.38 -7.19
CA ALA D 67 22.04 29.64 -6.76
C ALA D 67 21.78 31.13 -6.57
N LYS D 68 20.73 31.64 -7.21
CA LYS D 68 20.41 33.06 -7.18
C LYS D 68 19.08 33.35 -6.51
N LEU D 69 18.16 32.40 -6.59
CA LEU D 69 16.79 32.64 -6.15
C LEU D 69 16.06 31.33 -5.92
N VAL D 70 15.31 31.25 -4.81
CA VAL D 70 14.51 30.09 -4.51
C VAL D 70 13.04 30.47 -4.35
N TYR D 71 12.15 29.70 -4.94
CA TYR D 71 10.72 29.94 -4.81
C TYR D 71 10.03 28.77 -4.15
N HIS D 72 9.16 29.05 -3.18
CA HIS D 72 8.42 27.99 -2.51
C HIS D 72 6.91 28.23 -2.52
N GLN D 73 6.17 27.14 -2.67
CA GLN D 73 4.73 27.14 -2.51
C GLN D 73 4.29 25.71 -2.28
N SER D 74 3.30 25.53 -1.41
CA SER D 74 2.79 24.19 -1.13
C SER D 74 3.90 23.25 -0.67
N ASP D 75 4.18 22.22 -1.47
CA ASP D 75 5.26 21.28 -1.14
C ASP D 75 6.35 21.24 -2.20
N GLU D 76 6.52 22.34 -2.93
CA GLU D 76 7.50 22.37 -4.02
C GLU D 76 8.50 23.50 -3.86
N ILE D 77 9.72 23.24 -4.30
CA ILE D 77 10.81 24.21 -4.22
C ILE D 77 11.49 24.37 -5.58
N SER D 78 11.52 25.60 -6.09
CA SER D 78 12.19 25.89 -7.35
C SER D 78 13.44 26.74 -7.12
N ILE D 79 14.56 26.32 -7.71
CA ILE D 79 15.81 27.04 -7.53
C ILE D 79 16.38 27.53 -8.86
N LEU D 80 16.60 28.84 -8.95
CA LEU D 80 17.27 29.41 -10.11
C LEU D 80 18.78 29.36 -9.91
N ILE D 81 19.47 28.76 -10.88
CA ILE D 81 20.91 28.65 -10.83
C ILE D 81 21.49 29.25 -12.10
N THR D 82 22.51 30.10 -11.94
CA THR D 82 23.22 30.67 -13.08
C THR D 82 24.68 30.24 -13.05
N ASN D 83 25.28 30.14 -14.23
CA ASN D 83 26.66 29.70 -14.34
C ASN D 83 27.44 30.51 -15.36
N TYR D 84 26.97 31.73 -15.61
CA TYR D 84 27.57 32.60 -16.61
C TYR D 84 27.83 33.99 -16.06
N ASP D 85 28.04 34.07 -14.74
CA ASP D 85 28.35 35.33 -14.08
C ASP D 85 29.61 35.93 -14.67
N LYS D 86 30.62 35.09 -14.87
CA LYS D 86 31.86 35.49 -15.53
C LYS D 86 32.22 34.44 -16.57
N LEU D 87 33.16 34.78 -17.45
CA LEU D 87 33.61 33.85 -18.48
C LEU D 87 34.34 32.64 -17.89
N THR D 88 34.70 32.75 -16.61
CA THR D 88 35.43 31.69 -15.93
C THR D 88 34.53 30.87 -14.99
N THR D 89 33.25 31.22 -14.94
CA THR D 89 32.32 30.57 -14.01
C THR D 89 32.11 29.10 -14.33
N GLN D 90 32.28 28.25 -13.31
CA GLN D 90 32.05 26.82 -13.45
C GLN D 90 30.60 26.50 -13.13
N SER D 91 30.19 25.26 -13.43
CA SER D 91 28.85 24.81 -13.10
C SER D 91 28.89 23.86 -11.91
N TRP D 92 27.82 23.90 -11.11
CA TRP D 92 27.65 22.94 -10.03
C TRP D 92 27.69 21.54 -10.64
N PHE D 93 28.60 20.70 -10.13
CA PHE D 93 28.74 19.33 -10.62
C PHE D 93 28.99 19.24 -12.12
N GLU D 94 29.54 20.29 -12.70
CA GLU D 94 29.77 20.38 -14.15
C GLU D 94 28.49 20.19 -14.95
N ASN D 95 27.37 20.65 -14.38
CA ASN D 95 26.06 20.55 -15.02
C ASN D 95 25.60 19.11 -15.29
N ASN D 96 26.10 18.18 -14.49
CA ASN D 96 25.62 16.80 -14.52
C ASN D 96 24.17 16.74 -14.04
N LEU D 97 23.29 16.25 -14.90
CA LEU D 97 21.85 16.26 -14.63
C LEU D 97 21.44 15.43 -13.42
N GLN D 98 21.83 14.17 -13.40
CA GLN D 98 21.45 13.27 -12.32
C GLN D 98 22.04 13.69 -10.98
N LYS D 99 23.23 14.27 -11.03
CA LYS D 99 23.91 14.71 -9.82
C LYS D 99 23.24 15.95 -9.24
N ILE D 100 22.87 16.88 -10.11
CA ILE D 100 22.17 18.08 -9.68
C ILE D 100 20.80 17.76 -9.09
N ALA D 101 20.06 16.89 -9.77
CA ALA D 101 18.72 16.51 -9.33
C ALA D 101 18.74 15.74 -8.01
N SER D 102 19.64 14.75 -7.92
CA SER D 102 19.68 13.88 -6.75
C SER D 102 20.23 14.56 -5.49
N VAL D 103 21.35 15.27 -5.64
CA VAL D 103 21.93 15.99 -4.51
C VAL D 103 20.99 17.07 -4.00
N SER D 104 20.30 17.75 -4.92
CA SER D 104 19.28 18.72 -4.54
C SER D 104 18.22 18.10 -3.65
N ALA D 105 17.67 16.97 -4.09
CA ALA D 105 16.66 16.26 -3.32
C ALA D 105 17.25 15.80 -1.99
N SER D 106 18.48 15.31 -2.03
CA SER D 106 19.17 14.86 -0.83
C SER D 106 19.34 15.98 0.19
N MET D 107 19.84 17.12 -0.26
CA MET D 107 20.01 18.29 0.59
C MET D 107 18.68 18.73 1.22
N ALA D 108 17.66 18.84 0.38
CA ALA D 108 16.32 19.18 0.86
C ALA D 108 15.84 18.16 1.88
N THR D 109 16.06 16.89 1.59
CA THR D 109 15.64 15.80 2.47
C THR D 109 16.33 15.87 3.83
N ALA D 110 17.64 16.12 3.81
CA ALA D 110 18.44 16.15 5.03
C ALA D 110 17.98 17.26 5.96
N LYS D 111 17.85 18.46 5.42
CA LYS D 111 17.47 19.62 6.21
C LYS D 111 16.01 19.58 6.66
N PHE D 112 15.13 19.16 5.77
CA PHE D 112 13.70 19.19 6.05
C PHE D 112 13.32 18.26 7.21
N ASN D 113 13.86 17.05 7.19
CA ASN D 113 13.59 16.09 8.25
C ASN D 113 14.16 16.55 9.60
N GLU D 114 15.31 17.21 9.56
CA GLU D 114 15.94 17.74 10.78
C GLU D 114 15.07 18.80 11.44
N VAL D 115 14.72 19.83 10.67
CA VAL D 115 13.91 20.93 11.15
C VAL D 115 12.53 20.46 11.61
N MET D 116 11.97 19.51 10.88
CA MET D 116 10.64 19.00 11.20
C MET D 116 10.65 18.10 12.44
N ARG D 117 11.75 17.38 12.65
CA ARG D 117 11.83 16.44 13.77
C ARG D 117 12.01 17.15 15.11
N GLU D 118 12.25 18.46 15.06
CA GLU D 118 12.40 19.25 16.27
C GLU D 118 11.08 19.37 17.02
N LYS D 119 10.04 19.75 16.30
CA LYS D 119 8.72 19.93 16.91
C LYS D 119 7.82 18.70 16.71
N TYR D 120 8.15 17.87 15.73
CA TYR D 120 7.37 16.67 15.44
C TYR D 120 8.28 15.45 15.30
N PRO D 121 8.77 14.93 16.44
CA PRO D 121 9.73 13.81 16.43
C PRO D 121 9.08 12.47 16.09
N ASP D 122 7.75 12.46 15.99
CA ASP D 122 7.02 11.23 15.71
C ASP D 122 6.63 11.14 14.23
N LYS D 123 6.85 12.23 13.50
CA LYS D 123 6.51 12.31 12.09
C LYS D 123 7.32 11.30 11.28
N PRO D 124 6.67 10.62 10.32
CA PRO D 124 7.40 9.70 9.44
C PRO D 124 8.44 10.44 8.62
N LEU D 125 9.43 9.71 8.11
CA LEU D 125 10.47 10.31 7.27
C LEU D 125 9.86 10.97 6.05
N ALA D 126 10.37 12.14 5.70
CA ALA D 126 9.93 12.84 4.50
C ALA D 126 10.94 12.62 3.37
N THR D 127 10.42 12.38 2.16
CA THR D 127 11.28 12.20 1.00
C THR D 127 10.87 13.14 -0.13
N PHE D 128 11.81 13.42 -1.03
CA PHE D 128 11.59 14.38 -2.10
C PHE D 128 12.12 13.86 -3.42
N ASP D 129 11.58 14.37 -4.52
CA ASP D 129 12.20 14.13 -5.82
C ASP D 129 12.81 15.44 -6.31
N GLY D 130 13.78 15.34 -7.21
CA GLY D 130 14.36 16.51 -7.83
C GLY D 130 14.46 16.35 -9.33
N ARG D 131 14.25 17.45 -10.05
CA ARG D 131 14.38 17.44 -11.51
C ARG D 131 15.03 18.73 -11.96
N ALA D 132 15.92 18.64 -12.94
CA ALA D 132 16.59 19.84 -13.45
C ALA D 132 16.30 20.08 -14.93
N GLN D 133 16.50 21.32 -15.35
CA GLN D 133 16.24 21.70 -16.73
C GLN D 133 16.99 23.00 -16.99
N VAL D 134 17.11 23.38 -18.26
CA VAL D 134 17.60 24.71 -18.60
C VAL D 134 16.45 25.55 -19.13
N LEU D 135 16.65 26.85 -19.14
CA LEU D 135 15.67 27.79 -19.66
C LEU D 135 16.41 28.87 -20.41
N PRO D 136 15.79 29.38 -21.49
CA PRO D 136 16.33 30.59 -22.11
C PRO D 136 16.16 31.76 -21.15
N GLN D 137 16.99 32.79 -21.30
CA GLN D 137 16.95 33.94 -20.42
C GLN D 137 15.58 34.62 -20.34
N ASP D 138 14.89 34.72 -21.48
CA ASP D 138 13.63 35.45 -21.52
C ASP D 138 12.43 34.62 -21.08
N GLU D 139 12.69 33.46 -20.50
CA GLU D 139 11.63 32.60 -20.00
C GLU D 139 11.72 32.36 -18.49
N VAL D 140 12.81 32.82 -17.88
CA VAL D 140 13.03 32.56 -16.44
C VAL D 140 11.98 33.25 -15.57
N ALA D 141 11.75 34.54 -15.82
CA ALA D 141 10.71 35.25 -15.09
C ALA D 141 9.36 34.59 -15.33
N ASN D 142 9.12 34.17 -16.56
CA ASN D 142 7.88 33.50 -16.91
C ASN D 142 7.68 32.19 -16.17
N TYR D 143 8.77 31.50 -15.87
CA TYR D 143 8.70 30.26 -15.10
C TYR D 143 8.12 30.49 -13.70
N PHE D 144 8.59 31.53 -13.03
CA PHE D 144 8.14 31.81 -11.68
C PHE D 144 6.73 32.39 -11.67
N ILE D 145 6.40 33.15 -12.71
CA ILE D 145 5.03 33.62 -12.91
C ILE D 145 4.09 32.42 -13.01
N TRP D 146 4.52 31.43 -13.78
CA TRP D 146 3.78 30.18 -13.96
C TRP D 146 3.58 29.46 -12.63
N ARG D 147 4.62 29.41 -11.82
CA ARG D 147 4.54 28.76 -10.51
C ARG D 147 3.63 29.55 -9.57
N GLN D 148 3.66 30.87 -9.66
CA GLN D 148 2.82 31.72 -8.82
C GLN D 148 1.34 31.57 -9.16
N GLN D 149 1.06 31.50 -10.45
CA GLN D 149 -0.31 31.34 -10.92
C GLN D 149 -0.85 29.98 -10.53
N ASP D 150 0.04 29.01 -10.39
CA ASP D 150 -0.33 27.67 -9.94
C ASP D 150 -0.55 27.69 -8.43
N ALA D 151 0.25 28.48 -7.72
CA ALA D 151 0.11 28.64 -6.27
C ALA D 151 -1.23 29.30 -5.94
N SER D 152 -1.57 30.34 -6.68
CA SER D 152 -2.81 31.08 -6.48
C SER D 152 -4.03 30.20 -6.74
N LYS D 153 -3.99 29.48 -7.86
CA LYS D 153 -5.08 28.58 -8.22
C LYS D 153 -5.29 27.52 -7.16
N ASN D 154 -4.20 26.95 -6.65
CA ASN D 154 -4.27 25.96 -5.59
C ASN D 154 -4.73 26.58 -4.27
N SER D 155 -4.26 27.80 -3.99
CA SER D 155 -4.61 28.50 -2.75
C SER D 155 -6.11 28.74 -2.62
N ILE D 156 -6.72 29.24 -3.69
CA ILE D 156 -8.15 29.50 -3.70
C ILE D 156 -8.94 28.21 -3.50
N SER D 157 -8.52 27.15 -4.17
CA SER D 157 -9.20 25.87 -4.09
C SER D 157 -9.09 25.23 -2.69
N MET D 158 -7.96 25.46 -2.03
CA MET D 158 -7.76 24.95 -0.67
C MET D 158 -8.72 25.62 0.31
N VAL D 159 -8.88 26.93 0.15
CA VAL D 159 -9.76 27.70 1.03
C VAL D 159 -11.22 27.37 0.76
N ALA D 160 -11.56 27.18 -0.51
CA ALA D 160 -12.93 26.88 -0.89
C ALA D 160 -13.36 25.47 -0.49
N GLN D 161 -12.51 24.49 -0.79
CA GLN D 161 -12.82 23.09 -0.50
C GLN D 161 -12.94 22.82 1.00
N ALA D 162 -12.26 23.64 1.80
CA ALA D 162 -12.29 23.49 3.24
C ALA D 162 -13.65 23.86 3.82
N ASN D 163 -14.42 24.64 3.05
CA ASN D 163 -15.73 25.08 3.48
C ASN D 163 -16.86 24.36 2.74
N PHE D 164 -17.14 24.82 1.53
CA PHE D 164 -18.24 24.30 0.73
C PHE D 164 -17.89 22.92 0.14
N PRO D 165 -18.91 22.13 -0.21
CA PRO D 165 -18.67 20.83 -0.85
C PRO D 165 -18.35 21.00 -2.33
N ASN D 173 -13.41 29.20 -13.07
CA ASN D 173 -14.06 28.99 -11.78
C ASN D 173 -13.22 29.52 -10.62
N GLY D 174 -12.00 29.95 -10.93
CA GLY D 174 -11.12 30.51 -9.94
C GLY D 174 -11.68 31.80 -9.38
N LYS D 175 -12.16 32.66 -10.27
CA LYS D 175 -12.79 33.92 -9.86
C LYS D 175 -14.17 33.65 -9.26
N ASP D 176 -14.79 32.56 -9.72
CA ASP D 176 -16.09 32.15 -9.19
C ASP D 176 -15.97 31.75 -7.72
N MET D 177 -15.00 30.90 -7.43
CA MET D 177 -14.71 30.51 -6.05
C MET D 177 -14.27 31.72 -5.23
N GLN D 178 -13.56 32.63 -5.88
CA GLN D 178 -13.09 33.84 -5.23
C GLN D 178 -14.26 34.73 -4.83
N ASP D 179 -15.20 34.92 -5.75
CA ASP D 179 -16.37 35.76 -5.51
C ASP D 179 -17.35 35.12 -4.52
N LYS D 180 -17.47 33.80 -4.57
CA LYS D 180 -18.39 33.07 -3.70
C LYS D 180 -17.81 32.84 -2.31
N LEU D 181 -17.15 33.87 -1.77
CA LEU D 181 -16.56 33.78 -0.45
C LEU D 181 -16.35 35.17 0.15
N ASN D 188 -12.82 36.72 2.15
CA ASN D 188 -12.01 37.36 1.11
C ASN D 188 -10.60 36.78 1.04
N TRP D 189 -10.25 36.24 -0.13
CA TRP D 189 -8.96 35.59 -0.32
C TRP D 189 -7.80 36.58 -0.42
N ASN D 190 -8.06 37.74 -1.02
CA ASN D 190 -7.04 38.76 -1.22
C ASN D 190 -6.42 39.30 0.07
N ASP D 191 -7.07 39.04 1.20
CA ASP D 191 -6.60 39.53 2.50
C ASP D 191 -5.61 38.58 3.16
N LEU D 192 -5.44 37.40 2.60
CA LEU D 192 -4.50 36.42 3.14
C LEU D 192 -3.08 36.93 3.03
N PRO D 193 -2.16 36.39 3.84
CA PRO D 193 -0.75 36.78 3.67
C PRO D 193 -0.20 36.31 2.33
N VAL D 194 0.87 36.94 1.86
CA VAL D 194 1.43 36.67 0.54
C VAL D 194 1.79 35.20 0.31
N TRP D 195 2.43 34.58 1.29
CA TRP D 195 2.91 33.21 1.12
C TRP D 195 1.78 32.19 1.01
N GLN D 196 0.61 32.52 1.55
CA GLN D 196 -0.54 31.65 1.47
C GLN D 196 -1.26 31.85 0.14
N LYS D 197 -1.13 33.04 -0.42
CA LYS D 197 -1.79 33.39 -1.66
C LYS D 197 -1.03 32.87 -2.88
N ARG D 198 0.26 33.18 -2.95
CA ARG D 198 1.04 32.93 -4.16
C ARG D 198 2.46 32.49 -3.86
N GLY D 199 2.68 31.90 -2.69
CA GLY D 199 4.01 31.50 -2.27
C GLY D 199 4.94 32.68 -2.08
N ILE D 200 6.19 32.40 -1.76
CA ILE D 200 7.19 33.45 -1.58
C ILE D 200 8.55 33.03 -2.12
N CYS D 201 9.46 34.00 -2.20
CA CYS D 201 10.84 33.69 -2.58
C CYS D 201 11.78 33.80 -1.39
N ILE D 202 12.90 33.10 -1.47
CA ILE D 202 14.00 33.26 -0.53
C ILE D 202 15.16 33.85 -1.31
N ILE D 203 15.61 35.03 -0.88
CA ILE D 203 16.69 35.74 -1.57
C ILE D 203 17.84 36.06 -0.62
N LYS D 204 18.98 36.40 -1.20
CA LYS D 204 20.12 36.82 -0.43
C LYS D 204 19.93 38.28 -0.03
N GLU D 205 20.10 38.57 1.26
CA GLU D 205 20.05 39.96 1.71
C GLU D 205 21.31 40.32 2.48
N PHE D 206 21.66 41.60 2.43
CA PHE D 206 22.82 42.11 3.15
C PHE D 206 22.38 42.98 4.33
N TYR D 207 23.02 42.77 5.47
CA TYR D 207 22.61 43.44 6.70
C TYR D 207 23.82 43.69 7.61
N GLU D 208 23.66 44.60 8.56
CA GLU D 208 24.75 44.96 9.47
C GLU D 208 24.65 44.22 10.81
N LYS D 209 25.78 43.72 11.29
CA LYS D 209 25.83 43.04 12.58
C LYS D 209 27.18 43.25 13.26
N ASN D 210 27.15 43.98 14.38
CA ASN D 210 28.36 44.33 15.12
C ASN D 210 29.39 45.07 14.28
N GLY D 211 28.92 46.05 13.51
CA GLY D 211 29.79 46.87 12.68
C GLY D 211 30.26 46.18 11.42
N ALA D 212 29.78 44.96 11.19
CA ALA D 212 30.20 44.20 10.02
C ALA D 212 29.06 43.99 9.03
N LEU D 213 29.36 44.15 7.74
CA LEU D 213 28.41 43.88 6.68
C LEU D 213 28.40 42.38 6.38
N ARG D 214 27.26 41.73 6.59
CA ARG D 214 27.14 40.30 6.33
C ARG D 214 26.00 39.99 5.37
N SER D 215 25.94 38.75 4.91
CA SER D 215 24.87 38.33 4.00
C SER D 215 24.17 37.08 4.51
N ARG D 216 22.91 36.93 4.13
CA ARG D 216 22.14 35.75 4.50
C ARG D 216 21.00 35.54 3.52
N TRP D 217 20.47 34.32 3.48
CA TRP D 217 19.29 34.03 2.69
C TRP D 217 18.07 34.13 3.58
N SER D 218 17.07 34.88 3.14
CA SER D 218 15.90 35.13 3.97
C SER D 218 14.60 35.10 3.19
N VAL D 219 13.51 34.80 3.89
CA VAL D 219 12.18 34.78 3.29
C VAL D 219 11.72 36.20 2.99
N ASP D 220 11.36 36.43 1.72
CA ASP D 220 10.82 37.72 1.33
C ASP D 220 9.30 37.67 1.40
N HIS D 221 8.76 38.03 2.57
CA HIS D 221 7.30 38.03 2.75
C HIS D 221 6.64 39.14 1.93
N GLU D 222 7.45 39.98 1.31
CA GLU D 222 6.95 40.99 0.38
C GLU D 222 7.24 40.59 -1.07
N THR D 223 7.38 39.30 -1.31
CA THR D 223 7.58 38.80 -2.68
C THR D 223 6.40 39.22 -3.54
N PRO D 224 6.68 39.96 -4.62
CA PRO D 224 5.62 40.55 -5.42
C PRO D 224 4.99 39.56 -6.40
N ILE D 225 3.89 39.97 -7.02
CA ILE D 225 3.35 39.25 -8.16
C ILE D 225 4.29 39.52 -9.32
N ILE D 226 5.09 38.52 -9.65
CA ILE D 226 6.20 38.67 -10.58
C ILE D 226 5.80 39.16 -11.98
N SER D 227 4.57 38.86 -12.39
CA SER D 227 4.08 39.32 -13.68
C SER D 227 4.00 40.85 -13.74
N LYS D 228 3.95 41.49 -12.58
CA LYS D 228 3.88 42.94 -12.50
C LYS D 228 5.23 43.54 -12.08
N ASP D 229 6.17 42.67 -11.71
CA ASP D 229 7.51 43.09 -11.33
C ASP D 229 8.53 42.07 -11.81
N ARG D 230 8.73 42.02 -13.12
CA ARG D 230 9.58 41.02 -13.74
C ARG D 230 11.06 41.16 -13.37
N GLU D 231 11.46 42.38 -13.02
CA GLU D 231 12.86 42.64 -12.69
C GLU D 231 13.27 41.96 -11.37
N TYR D 232 12.27 41.64 -10.55
CA TYR D 232 12.52 40.92 -9.31
C TYR D 232 13.23 39.60 -9.59
N VAL D 233 12.88 38.97 -10.71
CA VAL D 233 13.53 37.74 -11.14
C VAL D 233 14.68 38.05 -12.08
N GLU D 234 14.44 38.93 -13.05
CA GLU D 234 15.42 39.16 -14.12
C GLU D 234 16.70 39.84 -13.66
N GLN D 235 16.74 40.34 -12.43
CA GLN D 235 17.95 40.94 -11.89
C GLN D 235 19.04 39.89 -11.69
N PHE D 236 18.64 38.62 -11.57
CA PHE D 236 19.59 37.53 -11.40
C PHE D 236 19.81 36.78 -12.71
N VAL D 237 19.12 37.20 -13.76
CA VAL D 237 19.17 36.51 -15.05
C VAL D 237 20.13 37.19 -16.02
N TYR D 238 19.91 38.47 -16.26
CA TYR D 238 20.81 39.24 -17.12
C TYR D 238 21.87 39.91 -16.28
N LEU D 239 23.11 39.45 -16.41
CA LEU D 239 24.19 39.90 -15.57
C LEU D 239 25.27 40.65 -16.35
#